data_115D
# 
_entry.id   115D 
# 
_audit_conform.dict_name       mmcif_pdbx.dic 
_audit_conform.dict_version    5.385 
_audit_conform.dict_location   http://mmcif.pdb.org/dictionaries/ascii/mmcif_pdbx.dic 
# 
loop_
_database_2.database_id 
_database_2.database_code 
_database_2.pdbx_database_accession 
_database_2.pdbx_DOI 
PDB   115D         pdb_0000115d 10.2210/pdb115d/pdb 
RCSB  ADHB11       ?            ?                   
WWPDB D_1000170040 ?            ?                   
# 
loop_
_pdbx_audit_revision_history.ordinal 
_pdbx_audit_revision_history.data_content_type 
_pdbx_audit_revision_history.major_revision 
_pdbx_audit_revision_history.minor_revision 
_pdbx_audit_revision_history.revision_date 
1 'Structure model' 1 0 1993-07-15 
2 'Structure model' 1 1 2008-05-22 
3 'Structure model' 1 2 2011-07-13 
4 'Structure model' 1 3 2018-04-18 
5 'Structure model' 1 4 2024-02-07 
# 
_pdbx_audit_revision_details.ordinal             1 
_pdbx_audit_revision_details.revision_ordinal    1 
_pdbx_audit_revision_details.data_content_type   'Structure model' 
_pdbx_audit_revision_details.provider            repository 
_pdbx_audit_revision_details.type                'Initial release' 
_pdbx_audit_revision_details.description         ? 
_pdbx_audit_revision_details.details             ? 
# 
loop_
_pdbx_audit_revision_group.ordinal 
_pdbx_audit_revision_group.revision_ordinal 
_pdbx_audit_revision_group.data_content_type 
_pdbx_audit_revision_group.group 
1 2 'Structure model' 'Version format compliance' 
2 3 'Structure model' 'Version format compliance' 
3 4 'Structure model' 'Data collection'           
4 5 'Structure model' 'Data collection'           
5 5 'Structure model' 'Database references'       
6 5 'Structure model' 'Derived calculations'      
# 
loop_
_pdbx_audit_revision_category.ordinal 
_pdbx_audit_revision_category.revision_ordinal 
_pdbx_audit_revision_category.data_content_type 
_pdbx_audit_revision_category.category 
1 4 'Structure model' diffrn_detector 
2 5 'Structure model' chem_comp_atom  
3 5 'Structure model' chem_comp_bond  
4 5 'Structure model' database_2      
5 5 'Structure model' struct_conn     
# 
loop_
_pdbx_audit_revision_item.ordinal 
_pdbx_audit_revision_item.revision_ordinal 
_pdbx_audit_revision_item.data_content_type 
_pdbx_audit_revision_item.item 
1 4 'Structure model' '_diffrn_detector.detector'           
2 5 'Structure model' '_database_2.pdbx_DOI'                
3 5 'Structure model' '_database_2.pdbx_database_accession' 
4 5 'Structure model' '_struct_conn.pdbx_leaving_atom_flag' 
# 
_pdbx_database_status.status_code                     REL 
_pdbx_database_status.entry_id                        115D 
_pdbx_database_status.recvd_initial_deposition_date   1993-02-12 
_pdbx_database_status.deposit_site                    BNL 
_pdbx_database_status.process_site                    NDB 
_pdbx_database_status.SG_entry                        . 
_pdbx_database_status.pdb_format_compatible           Y 
_pdbx_database_status.status_code_mr                  ? 
_pdbx_database_status.status_code_sf                  ? 
_pdbx_database_status.status_code_cs                  ? 
_pdbx_database_status.methods_development_category    ? 
_pdbx_database_status.status_code_nmr_data            ? 
# 
loop_
_audit_author.name 
_audit_author.pdbx_ordinal 
'Kennard, O.'    1 
'Cruse, W.B.T.'  2 
'Nachman, J.'    3 
'Prange, T.'     4 
'Shakked, Z.'    5 
'Rabinovich, D.' 6 
# 
loop_
_citation.id 
_citation.title 
_citation.journal_abbrev 
_citation.journal_volume 
_citation.page_first 
_citation.page_last 
_citation.year 
_citation.journal_id_ASTM 
_citation.country 
_citation.journal_id_ISSN 
_citation.journal_id_CSD 
_citation.book_publisher 
_citation.pdbx_database_id_PubMed 
_citation.pdbx_database_id_DOI 
primary 'Ordered water structure in an A-DNA octamer at 1.7 A resolution.'                                                  
J.Biomol.Struct.Dyn.    3   623 647 1986 JBSDD6 US 0739-1102 0646 ? 3271041 ? 
1       'Coexistence of A-and B-Form DNA in a Single Crystal Lattice'                                                       Nature 
337 190 192 1989 NATUAS UK 0028-0836 0006 ? ?       ? 
2       'Sequence-Dependent Conformation of an A-DNA Double Helix. The Crystal Structure of the Octamer d(G-G-T-A-T-A-C-C)' 
J.Mol.Biol.             166 183 201 1983 JMOBAK UK 0022-2836 0070 ? ?       ? 
3       'Crystalline A-DNA. The X-Ray Analysis of the Fragment d(G-G-T-A-T-A-C-C)'                                          
Proc.R.Soc.London,Ser.B 213 479 487 1981 PRLBA4 UK 0080-4649 0338 ? ?       ? 
# 
loop_
_citation_author.citation_id 
_citation_author.name 
_citation_author.ordinal 
_citation_author.identifier_ORCID 
primary 'Kennard, O.'      1  ? 
primary 'Cruse, W.B.'      2  ? 
primary 'Nachman, J.'      3  ? 
primary 'Prange, T.'       4  ? 
primary 'Shakked, Z.'      5  ? 
primary 'Rabinovich, D.'   6  ? 
1       'Doucet, J.'       7  ? 
1       'Benoit, J.-P.'    8  ? 
1       'Cruse, W.B.T.'    9  ? 
1       'Prange, T.'       10 ? 
1       'Kennard, O.'      11 ? 
2       'Shakked, Z.'      12 ? 
2       'Rabinovich, D.'   13 ? 
2       'Kennard, O.'      14 ? 
2       'Cruse, W.B.T.'    15 ? 
2       'Salisbury, S.A.'  16 ? 
2       'Viswamitra, M.A.' 17 ? 
3       'Shakked, Z.'      18 ? 
3       'Rabinovich, D.'   19 ? 
3       'Cruse, W.B.T.'    20 ? 
3       'Egert, E.'        21 ? 
3       'Kennard, O.'      22 ? 
3       'Sala, G.'         23 ? 
3       'Salisbury, S.A.'  24 ? 
3       'Viswamitra, M.A.' 25 ? 
# 
loop_
_entity.id 
_entity.type 
_entity.src_method 
_entity.pdbx_description 
_entity.formula_weight 
_entity.pdbx_number_of_molecules 
_entity.pdbx_ec 
_entity.pdbx_mutation 
_entity.pdbx_fragment 
_entity.details 
1 polymer syn 
;DNA (5'-D(*GP*GP*(BRU)P*AP*(BRU)P*AP*CP*C)-3')
;
2556.357 2  ? ? ? ? 
2 water   nat water                                            18.015   85 ? ? ? ? 
# 
_entity_poly.entity_id                      1 
_entity_poly.type                           polydeoxyribonucleotide 
_entity_poly.nstd_linkage                   no 
_entity_poly.nstd_monomer                   yes 
_entity_poly.pdbx_seq_one_letter_code       '(DG)(DG)(BRU)(DA)(BRU)(DA)(DC)(DC)' 
_entity_poly.pdbx_seq_one_letter_code_can   GGUAUACC 
_entity_poly.pdbx_strand_id                 A,B 
_entity_poly.pdbx_target_identifier         ? 
# 
_pdbx_entity_nonpoly.entity_id   2 
_pdbx_entity_nonpoly.name        water 
_pdbx_entity_nonpoly.comp_id     HOH 
# 
loop_
_entity_poly_seq.entity_id 
_entity_poly_seq.num 
_entity_poly_seq.mon_id 
_entity_poly_seq.hetero 
1 1 DG  n 
1 2 DG  n 
1 3 BRU n 
1 4 DA  n 
1 5 BRU n 
1 6 DA  n 
1 7 DC  n 
1 8 DC  n 
# 
loop_
_chem_comp.id 
_chem_comp.type 
_chem_comp.mon_nstd_flag 
_chem_comp.name 
_chem_comp.pdbx_synonyms 
_chem_comp.formula 
_chem_comp.formula_weight 
BRU 'DNA linking' n "5-BROMO-2'-DEOXYURIDINE-5'-MONOPHOSPHATE" ? 'C9 H12 Br N2 O8 P' 387.078 
DA  'DNA linking' y "2'-DEOXYADENOSINE-5'-MONOPHOSPHATE"       ? 'C10 H14 N5 O6 P'   331.222 
DC  'DNA linking' y "2'-DEOXYCYTIDINE-5'-MONOPHOSPHATE"        ? 'C9 H14 N3 O7 P'    307.197 
DG  'DNA linking' y "2'-DEOXYGUANOSINE-5'-MONOPHOSPHATE"       ? 'C10 H14 N5 O7 P'   347.221 
HOH non-polymer   . WATER                                      ? 'H2 O'              18.015  
# 
loop_
_pdbx_poly_seq_scheme.asym_id 
_pdbx_poly_seq_scheme.entity_id 
_pdbx_poly_seq_scheme.seq_id 
_pdbx_poly_seq_scheme.mon_id 
_pdbx_poly_seq_scheme.ndb_seq_num 
_pdbx_poly_seq_scheme.pdb_seq_num 
_pdbx_poly_seq_scheme.auth_seq_num 
_pdbx_poly_seq_scheme.pdb_mon_id 
_pdbx_poly_seq_scheme.auth_mon_id 
_pdbx_poly_seq_scheme.pdb_strand_id 
_pdbx_poly_seq_scheme.pdb_ins_code 
_pdbx_poly_seq_scheme.hetero 
A 1 1 DG  1 1  1  DG  G  A . n 
A 1 2 DG  2 2  2  DG  G  A . n 
A 1 3 BRU 3 3  3  BRU +U A . n 
A 1 4 DA  4 4  4  DA  A  A . n 
A 1 5 BRU 5 5  5  BRU +U A . n 
A 1 6 DA  6 6  6  DA  A  A . n 
A 1 7 DC  7 7  7  DC  C  A . n 
A 1 8 DC  8 8  8  DC  C  A . n 
B 1 1 DG  1 9  9  DG  G  B . n 
B 1 2 DG  2 10 10 DG  G  B . n 
B 1 3 BRU 3 11 11 BRU +U B . n 
B 1 4 DA  4 12 12 DA  A  B . n 
B 1 5 BRU 5 13 13 BRU +U B . n 
B 1 6 DA  6 14 14 DA  A  B . n 
B 1 7 DC  7 15 15 DC  C  B . n 
B 1 8 DC  8 16 16 DC  C  B . n 
# 
loop_
_pdbx_nonpoly_scheme.asym_id 
_pdbx_nonpoly_scheme.entity_id 
_pdbx_nonpoly_scheme.mon_id 
_pdbx_nonpoly_scheme.ndb_seq_num 
_pdbx_nonpoly_scheme.pdb_seq_num 
_pdbx_nonpoly_scheme.auth_seq_num 
_pdbx_nonpoly_scheme.pdb_mon_id 
_pdbx_nonpoly_scheme.auth_mon_id 
_pdbx_nonpoly_scheme.pdb_strand_id 
_pdbx_nonpoly_scheme.pdb_ins_code 
C 2 HOH 1  18  18  HOH HOH A . 
C 2 HOH 2  19  19  HOH HOH A . 
C 2 HOH 3  20  20  HOH HOH A . 
C 2 HOH 4  24  24  HOH HOH A . 
C 2 HOH 5  27  27  HOH HOH A . 
C 2 HOH 6  29  29  HOH HOH A . 
C 2 HOH 7  30  30  HOH HOH A . 
C 2 HOH 8  31  31  HOH HOH A . 
C 2 HOH 9  33  33  HOH HOH A . 
C 2 HOH 10 34  34  HOH HOH A . 
C 2 HOH 11 35  35  HOH HOH A . 
C 2 HOH 12 36  36  HOH HOH A . 
C 2 HOH 13 38  38  HOH HOH A . 
C 2 HOH 14 39  39  HOH HOH A . 
C 2 HOH 15 40  40  HOH HOH A . 
C 2 HOH 16 43  43  HOH HOH A . 
C 2 HOH 17 44  44  HOH HOH A . 
C 2 HOH 18 46  46  HOH HOH A . 
C 2 HOH 19 49  49  HOH HOH A . 
C 2 HOH 20 56  56  HOH HOH A . 
C 2 HOH 21 57  57  HOH HOH A . 
C 2 HOH 22 58  58  HOH HOH A . 
C 2 HOH 23 60  60  HOH HOH A . 
C 2 HOH 24 61  61  HOH HOH A . 
C 2 HOH 25 66  66  HOH HOH A . 
C 2 HOH 26 70  70  HOH HOH A . 
C 2 HOH 27 72  72  HOH HOH A . 
C 2 HOH 28 79  79  HOH HOH A . 
C 2 HOH 29 80  80  HOH HOH A . 
C 2 HOH 30 81  81  HOH HOH A . 
C 2 HOH 31 82  82  HOH HOH A . 
C 2 HOH 32 83  83  HOH HOH A . 
C 2 HOH 33 84  84  HOH HOH A . 
C 2 HOH 34 86  86  HOH HOH A . 
C 2 HOH 35 87  87  HOH HOH A . 
C 2 HOH 36 89  89  HOH HOH A . 
C 2 HOH 37 90  90  HOH HOH A . 
C 2 HOH 38 91  91  HOH HOH A . 
C 2 HOH 39 92  92  HOH HOH A . 
C 2 HOH 40 93  93  HOH HOH A . 
C 2 HOH 41 94  94  HOH HOH A . 
C 2 HOH 42 96  96  HOH HOH A . 
C 2 HOH 43 98  98  HOH HOH A . 
C 2 HOH 44 100 100 HOH HOH A . 
C 2 HOH 45 101 101 HOH HOH A . 
D 2 HOH 1  17  17  HOH HOH B . 
D 2 HOH 2  21  21  HOH HOH B . 
D 2 HOH 3  22  22  HOH HOH B . 
D 2 HOH 4  23  23  HOH HOH B . 
D 2 HOH 5  25  25  HOH HOH B . 
D 2 HOH 6  26  26  HOH HOH B . 
D 2 HOH 7  28  28  HOH HOH B . 
D 2 HOH 8  32  32  HOH HOH B . 
D 2 HOH 9  37  37  HOH HOH B . 
D 2 HOH 10 41  41  HOH HOH B . 
D 2 HOH 11 42  42  HOH HOH B . 
D 2 HOH 12 45  45  HOH HOH B . 
D 2 HOH 13 47  47  HOH HOH B . 
D 2 HOH 14 48  48  HOH HOH B . 
D 2 HOH 15 50  50  HOH HOH B . 
D 2 HOH 16 51  51  HOH HOH B . 
D 2 HOH 17 52  52  HOH HOH B . 
D 2 HOH 18 53  53  HOH HOH B . 
D 2 HOH 19 54  54  HOH HOH B . 
D 2 HOH 20 55  55  HOH HOH B . 
D 2 HOH 21 59  59  HOH HOH B . 
D 2 HOH 22 62  62  HOH HOH B . 
D 2 HOH 23 63  63  HOH HOH B . 
D 2 HOH 24 64  64  HOH HOH B . 
D 2 HOH 25 65  65  HOH HOH B . 
D 2 HOH 26 67  67  HOH HOH B . 
D 2 HOH 27 68  68  HOH HOH B . 
D 2 HOH 28 69  69  HOH HOH B . 
D 2 HOH 29 71  71  HOH HOH B . 
D 2 HOH 30 73  73  HOH HOH B . 
D 2 HOH 31 74  74  HOH HOH B . 
D 2 HOH 32 75  75  HOH HOH B . 
D 2 HOH 33 76  76  HOH HOH B . 
D 2 HOH 34 77  77  HOH HOH B . 
D 2 HOH 35 78  78  HOH HOH B . 
D 2 HOH 36 85  85  HOH HOH B . 
D 2 HOH 37 88  88  HOH HOH B . 
D 2 HOH 38 95  95  HOH HOH B . 
D 2 HOH 39 97  97  HOH HOH B . 
D 2 HOH 40 99  99  HOH HOH B . 
# 
_software.name             NUCLSQ 
_software.classification   refinement 
_software.version          . 
_software.citation_id      ? 
_software.pdbx_ordinal     1 
# 
_cell.entry_id           115D 
_cell.length_a           45.084 
_cell.length_b           45.084 
_cell.length_c           41.720 
_cell.angle_alpha        90.00 
_cell.angle_beta         90.00 
_cell.angle_gamma        120.00 
_cell.Z_PDB              12 
_cell.pdbx_unique_axis   ? 
# 
_symmetry.entry_id                         115D 
_symmetry.space_group_name_H-M             'P 61' 
_symmetry.pdbx_full_space_group_name_H-M   ? 
_symmetry.cell_setting                     ? 
_symmetry.Int_Tables_number                169 
# 
_exptl.entry_id          115D 
_exptl.method            'X-RAY DIFFRACTION' 
_exptl.crystals_number   ? 
# 
_exptl_crystal.id                    1 
_exptl_crystal.density_meas          ? 
_exptl_crystal.density_Matthews      2.39 
_exptl_crystal.density_percent_sol   48.62 
_exptl_crystal.description           ? 
# 
_exptl_crystal_grow.crystal_id      1 
_exptl_crystal_grow.method          'VAPOR DIFFUSION' 
_exptl_crystal_grow.temp            ? 
_exptl_crystal_grow.temp_details    ? 
_exptl_crystal_grow.pH              7.00 
_exptl_crystal_grow.pdbx_details    'pH 7.00, VAPOR DIFFUSION' 
_exptl_crystal_grow.pdbx_pH_range   ? 
# 
loop_
_exptl_crystal_grow_comp.crystal_id 
_exptl_crystal_grow_comp.id 
_exptl_crystal_grow_comp.sol_id 
_exptl_crystal_grow_comp.name 
_exptl_crystal_grow_comp.volume 
_exptl_crystal_grow_comp.conc 
_exptl_crystal_grow_comp.details 
1 1 1 WATER        ? ? ? 
1 2 1 MPD          ? ? ? 
1 3 1 'MG ACETATE' ? ? ? 
1 4 1 SPERMINE_HCL ? ? ? 
1 5 2 WATER        ? ? ? 
1 6 2 MPD          ? ? ? 
# 
loop_
_diffrn.id 
_diffrn.ambient_temp 
_diffrn.ambient_temp_details 
_diffrn.crystal_id 
1 ? 'ROOM TEMPERATURE' 1 
2 ? ?                  1 
# 
loop_
_diffrn_detector.diffrn_id 
_diffrn_detector.detector 
_diffrn_detector.type 
_diffrn_detector.pdbx_collection_date 
_diffrn_detector.details 
1 DIFFRACTOMETER       'ENRAF-NONIUS CAD4' ? ? 
2 'OSCILLATION CAMERA' PHILLIPS            ? ? 
# 
loop_
_diffrn_radiation.diffrn_id 
_diffrn_radiation.wavelength_id 
_diffrn_radiation.pdbx_monochromatic_or_laue_m_l 
_diffrn_radiation.monochromator 
_diffrn_radiation.pdbx_diffrn_protocol 
_diffrn_radiation.pdbx_scattering_type 
1 1 M ? ? x-ray 
2 2 M ? ? x-ray 
# 
loop_
_diffrn_radiation_wavelength.id 
_diffrn_radiation_wavelength.wavelength 
_diffrn_radiation_wavelength.wt 
1 . 1.0 
2 . 1.0 
# 
loop_
_diffrn_source.diffrn_id 
_diffrn_source.source 
_diffrn_source.type 
_diffrn_source.pdbx_synchrotron_site 
_diffrn_source.pdbx_synchrotron_beamline 
_diffrn_source.pdbx_wavelength 
_diffrn_source.pdbx_wavelength_list 
1 'SEALED TUBE' ?    ?    ? ? ? 
2 SYNCHROTRON   LURE LURE ? ? ? 
# 
_reflns.entry_id                     115D 
_reflns.observed_criterion_sigma_I   ? 
_reflns.observed_criterion_sigma_F   2.000 
_reflns.d_resolution_low             ? 
_reflns.d_resolution_high            1.700 
_reflns.number_obs                   4669 
_reflns.number_all                   ? 
_reflns.percent_possible_obs         ? 
_reflns.pdbx_Rmerge_I_obs            ? 
_reflns.pdbx_Rsym_value              ? 
_reflns.pdbx_netI_over_sigmaI        ? 
_reflns.B_iso_Wilson_estimate        ? 
_reflns.pdbx_redundancy              ? 
_reflns.pdbx_diffrn_id               1,2 
_reflns.pdbx_ordinal                 1 
# 
_refine.entry_id                                 115D 
_refine.ls_number_reflns_obs                     4428 
_refine.ls_number_reflns_all                     ? 
_refine.pdbx_ls_sigma_I                          ? 
_refine.pdbx_ls_sigma_F                          2.000 
_refine.pdbx_data_cutoff_high_absF               ? 
_refine.pdbx_data_cutoff_low_absF                ? 
_refine.pdbx_data_cutoff_high_rms_absF           ? 
_refine.ls_d_res_low                             10.000 
_refine.ls_d_res_high                            1.700 
_refine.ls_percent_reflns_obs                    ? 
_refine.ls_R_factor_obs                          0.14 
_refine.ls_R_factor_all                          ? 
_refine.ls_R_factor_R_work                       ? 
_refine.ls_R_factor_R_free                       ? 
_refine.ls_R_factor_R_free_error                 ? 
_refine.ls_R_factor_R_free_error_details         ? 
_refine.ls_percent_reflns_R_free                 ? 
_refine.ls_number_reflns_R_free                  ? 
_refine.ls_number_parameters                     ? 
_refine.ls_number_restraints                     ? 
_refine.occupancy_min                            ? 
_refine.occupancy_max                            ? 
_refine.B_iso_mean                               ? 
_refine.aniso_B[1][1]                            ? 
_refine.aniso_B[2][2]                            ? 
_refine.aniso_B[3][3]                            ? 
_refine.aniso_B[1][2]                            ? 
_refine.aniso_B[1][3]                            ? 
_refine.aniso_B[2][3]                            ? 
_refine.solvent_model_details                    ? 
_refine.solvent_model_param_ksol                 ? 
_refine.solvent_model_param_bsol                 ? 
_refine.pdbx_ls_cross_valid_method               ? 
_refine.details                                  ? 
_refine.pdbx_starting_model                      ? 
_refine.pdbx_method_to_determine_struct          ? 
_refine.pdbx_isotropic_thermal_model             ? 
_refine.pdbx_stereochemistry_target_values       ? 
_refine.pdbx_stereochem_target_val_spec_case     ? 
_refine.pdbx_R_Free_selection_details            ? 
_refine.pdbx_overall_ESU_R                       ? 
_refine.pdbx_overall_ESU_R_Free                  ? 
_refine.overall_SU_ML                            ? 
_refine.overall_SU_B                             ? 
_refine.pdbx_refine_id                           'X-RAY DIFFRACTION' 
_refine.pdbx_diffrn_id                           1 
_refine.pdbx_TLS_residual_ADP_flag               ? 
_refine.correlation_coeff_Fo_to_Fc               ? 
_refine.correlation_coeff_Fo_to_Fc_free          ? 
_refine.pdbx_solvent_vdw_probe_radii             ? 
_refine.pdbx_solvent_ion_probe_radii             ? 
_refine.pdbx_solvent_shrinkage_radii             ? 
_refine.pdbx_overall_phase_error                 ? 
_refine.overall_SU_R_Cruickshank_DPI             ? 
_refine.pdbx_overall_SU_R_free_Cruickshank_DPI   ? 
_refine.pdbx_overall_SU_R_Blow_DPI               ? 
_refine.pdbx_overall_SU_R_free_Blow_DPI          ? 
# 
_refine_hist.pdbx_refine_id                   'X-RAY DIFFRACTION' 
_refine_hist.cycle_id                         LAST 
_refine_hist.pdbx_number_atoms_protein        0 
_refine_hist.pdbx_number_atoms_nucleic_acid   318 
_refine_hist.pdbx_number_atoms_ligand         4 
_refine_hist.number_atoms_solvent             85 
_refine_hist.number_atoms_total               407 
_refine_hist.d_res_high                       1.700 
_refine_hist.d_res_low                        10.000 
# 
_struct.entry_id                  115D 
_struct.title                     'ORDERED WATER STRUCTURE IN AN A-DNA OCTAMER AT 1.7 ANGSTROMS RESOLUTION' 
_struct.pdbx_model_details        ? 
_struct.pdbx_CASP_flag            ? 
_struct.pdbx_model_type_details   ? 
# 
_struct_keywords.entry_id        115D 
_struct_keywords.pdbx_keywords   DNA 
_struct_keywords.text            'A-DNA, DOUBLE HELIX, MODIFIED, DNA' 
# 
loop_
_struct_asym.id 
_struct_asym.pdbx_blank_PDB_chainid_flag 
_struct_asym.pdbx_modified 
_struct_asym.entity_id 
_struct_asym.details 
A N N 1 ? 
B N N 1 ? 
C N N 2 ? 
D N N 2 ? 
# 
_struct_ref.id                         1 
_struct_ref.entity_id                  1 
_struct_ref.db_name                    PDB 
_struct_ref.db_code                    115D 
_struct_ref.pdbx_db_accession          115D 
_struct_ref.pdbx_db_isoform            ? 
_struct_ref.pdbx_seq_one_letter_code   ? 
_struct_ref.pdbx_align_begin           ? 
# 
loop_
_struct_ref_seq.align_id 
_struct_ref_seq.ref_id 
_struct_ref_seq.pdbx_PDB_id_code 
_struct_ref_seq.pdbx_strand_id 
_struct_ref_seq.seq_align_beg 
_struct_ref_seq.pdbx_seq_align_beg_ins_code 
_struct_ref_seq.seq_align_end 
_struct_ref_seq.pdbx_seq_align_end_ins_code 
_struct_ref_seq.pdbx_db_accession 
_struct_ref_seq.db_align_beg 
_struct_ref_seq.pdbx_db_align_beg_ins_code 
_struct_ref_seq.db_align_end 
_struct_ref_seq.pdbx_db_align_end_ins_code 
_struct_ref_seq.pdbx_auth_seq_align_beg 
_struct_ref_seq.pdbx_auth_seq_align_end 
1 1 115D A 1 ? 8 ? 115D 1 ? 8  ? 1 8  
2 1 115D B 1 ? 8 ? 115D 9 ? 16 ? 9 16 
# 
_pdbx_struct_assembly.id                   1 
_pdbx_struct_assembly.details              author_defined_assembly 
_pdbx_struct_assembly.method_details       ? 
_pdbx_struct_assembly.oligomeric_details   dimeric 
_pdbx_struct_assembly.oligomeric_count     2 
# 
_pdbx_struct_assembly_gen.assembly_id       1 
_pdbx_struct_assembly_gen.oper_expression   1 
_pdbx_struct_assembly_gen.asym_id_list      A,B,C,D 
# 
_pdbx_struct_oper_list.id                   1 
_pdbx_struct_oper_list.type                 'identity operation' 
_pdbx_struct_oper_list.name                 1_555 
_pdbx_struct_oper_list.symmetry_operation   x,y,z 
_pdbx_struct_oper_list.matrix[1][1]         1.0000000000 
_pdbx_struct_oper_list.matrix[1][2]         0.0000000000 
_pdbx_struct_oper_list.matrix[1][3]         0.0000000000 
_pdbx_struct_oper_list.vector[1]            0.0000000000 
_pdbx_struct_oper_list.matrix[2][1]         0.0000000000 
_pdbx_struct_oper_list.matrix[2][2]         1.0000000000 
_pdbx_struct_oper_list.matrix[2][3]         0.0000000000 
_pdbx_struct_oper_list.vector[2]            0.0000000000 
_pdbx_struct_oper_list.matrix[3][1]         0.0000000000 
_pdbx_struct_oper_list.matrix[3][2]         0.0000000000 
_pdbx_struct_oper_list.matrix[3][3]         1.0000000000 
_pdbx_struct_oper_list.vector[3]            0.0000000000 
# 
_struct_biol.id   1 
# 
loop_
_struct_conn.id 
_struct_conn.conn_type_id 
_struct_conn.pdbx_leaving_atom_flag 
_struct_conn.pdbx_PDB_id 
_struct_conn.ptnr1_label_asym_id 
_struct_conn.ptnr1_label_comp_id 
_struct_conn.ptnr1_label_seq_id 
_struct_conn.ptnr1_label_atom_id 
_struct_conn.pdbx_ptnr1_label_alt_id 
_struct_conn.pdbx_ptnr1_PDB_ins_code 
_struct_conn.pdbx_ptnr1_standard_comp_id 
_struct_conn.ptnr1_symmetry 
_struct_conn.ptnr2_label_asym_id 
_struct_conn.ptnr2_label_comp_id 
_struct_conn.ptnr2_label_seq_id 
_struct_conn.ptnr2_label_atom_id 
_struct_conn.pdbx_ptnr2_label_alt_id 
_struct_conn.pdbx_ptnr2_PDB_ins_code 
_struct_conn.ptnr1_auth_asym_id 
_struct_conn.ptnr1_auth_comp_id 
_struct_conn.ptnr1_auth_seq_id 
_struct_conn.ptnr2_auth_asym_id 
_struct_conn.ptnr2_auth_comp_id 
_struct_conn.ptnr2_auth_seq_id 
_struct_conn.ptnr2_symmetry 
_struct_conn.pdbx_ptnr3_label_atom_id 
_struct_conn.pdbx_ptnr3_label_seq_id 
_struct_conn.pdbx_ptnr3_label_comp_id 
_struct_conn.pdbx_ptnr3_label_asym_id 
_struct_conn.pdbx_ptnr3_label_alt_id 
_struct_conn.pdbx_ptnr3_PDB_ins_code 
_struct_conn.details 
_struct_conn.pdbx_dist_value 
_struct_conn.pdbx_value_order 
_struct_conn.pdbx_role 
covale1  covale both ? A DG  2 "O3'" ? ? ? 1_555 A BRU 3 P  ? ? A DG  2  A BRU 3  1_555 ? ? ? ? ? ? ?            1.602 ? ? 
covale2  covale both ? A BRU 3 "O3'" ? ? ? 1_555 A DA  4 P  ? ? A BRU 3  A DA  4  1_555 ? ? ? ? ? ? ?            1.586 ? ? 
covale3  covale both ? A DA  4 "O3'" ? ? ? 1_555 A BRU 5 P  ? ? A DA  4  A BRU 5  1_555 ? ? ? ? ? ? ?            1.524 ? ? 
covale4  covale both ? A BRU 5 "O3'" ? ? ? 1_555 A DA  6 P  ? ? A BRU 5  A DA  6  1_555 ? ? ? ? ? ? ?            1.536 ? ? 
covale5  covale both ? B DG  2 "O3'" ? ? ? 1_555 B BRU 3 P  ? ? B DG  10 B BRU 11 1_555 ? ? ? ? ? ? ?            1.540 ? ? 
covale6  covale both ? B BRU 3 "O3'" ? ? ? 1_555 B DA  4 P  ? ? B BRU 11 B DA  12 1_555 ? ? ? ? ? ? ?            1.567 ? ? 
covale7  covale both ? B DA  4 "O3'" ? ? ? 1_555 B BRU 5 P  ? ? B DA  12 B BRU 13 1_555 ? ? ? ? ? ? ?            1.625 ? ? 
covale8  covale both ? B BRU 5 "O3'" ? ? ? 1_555 B DA  6 P  ? ? B BRU 13 B DA  14 1_555 ? ? ? ? ? ? ?            1.658 ? ? 
hydrog1  hydrog ?    ? A DG  1 N1    ? ? ? 1_555 B DC  8 N3 ? ? A DG  1  B DC  16 1_555 ? ? ? ? ? ? WATSON-CRICK ?     ? ? 
hydrog2  hydrog ?    ? A DG  1 N2    ? ? ? 1_555 B DC  8 O2 ? ? A DG  1  B DC  16 1_555 ? ? ? ? ? ? WATSON-CRICK ?     ? ? 
hydrog3  hydrog ?    ? A DG  1 O6    ? ? ? 1_555 B DC  8 N4 ? ? A DG  1  B DC  16 1_555 ? ? ? ? ? ? WATSON-CRICK ?     ? ? 
hydrog4  hydrog ?    ? A DG  2 N1    ? ? ? 1_555 B DC  7 N3 ? ? A DG  2  B DC  15 1_555 ? ? ? ? ? ? WATSON-CRICK ?     ? ? 
hydrog5  hydrog ?    ? A DG  2 N2    ? ? ? 1_555 B DC  7 O2 ? ? A DG  2  B DC  15 1_555 ? ? ? ? ? ? WATSON-CRICK ?     ? ? 
hydrog6  hydrog ?    ? A DG  2 O6    ? ? ? 1_555 B DC  7 N4 ? ? A DG  2  B DC  15 1_555 ? ? ? ? ? ? WATSON-CRICK ?     ? ? 
hydrog7  hydrog ?    ? A BRU 3 N3    ? ? ? 1_555 B DA  6 N1 ? ? A BRU 3  B DA  14 1_555 ? ? ? ? ? ? WATSON-CRICK ?     ? ? 
hydrog8  hydrog ?    ? A BRU 3 O4    ? ? ? 1_555 B DA  6 N6 ? ? A BRU 3  B DA  14 1_555 ? ? ? ? ? ? WATSON-CRICK ?     ? ? 
hydrog9  hydrog ?    ? A DA  4 N1    ? ? ? 1_555 B BRU 5 N3 ? ? A DA  4  B BRU 13 1_555 ? ? ? ? ? ? WATSON-CRICK ?     ? ? 
hydrog10 hydrog ?    ? A DA  4 N6    ? ? ? 1_555 B BRU 5 O4 ? ? A DA  4  B BRU 13 1_555 ? ? ? ? ? ? WATSON-CRICK ?     ? ? 
hydrog11 hydrog ?    ? A BRU 5 N3    ? ? ? 1_555 B DA  4 N1 ? ? A BRU 5  B DA  12 1_555 ? ? ? ? ? ? WATSON-CRICK ?     ? ? 
hydrog12 hydrog ?    ? A BRU 5 O4    ? ? ? 1_555 B DA  4 N6 ? ? A BRU 5  B DA  12 1_555 ? ? ? ? ? ? WATSON-CRICK ?     ? ? 
hydrog13 hydrog ?    ? A DA  6 N1    ? ? ? 1_555 B BRU 3 N3 ? ? A DA  6  B BRU 11 1_555 ? ? ? ? ? ? WATSON-CRICK ?     ? ? 
hydrog14 hydrog ?    ? A DA  6 N6    ? ? ? 1_555 B BRU 3 O4 ? ? A DA  6  B BRU 11 1_555 ? ? ? ? ? ? WATSON-CRICK ?     ? ? 
hydrog15 hydrog ?    ? A DC  7 N3    ? ? ? 1_555 B DG  2 N1 ? ? A DC  7  B DG  10 1_555 ? ? ? ? ? ? WATSON-CRICK ?     ? ? 
hydrog16 hydrog ?    ? A DC  7 N4    ? ? ? 1_555 B DG  2 O6 ? ? A DC  7  B DG  10 1_555 ? ? ? ? ? ? WATSON-CRICK ?     ? ? 
hydrog17 hydrog ?    ? A DC  7 O2    ? ? ? 1_555 B DG  2 N2 ? ? A DC  7  B DG  10 1_555 ? ? ? ? ? ? WATSON-CRICK ?     ? ? 
hydrog18 hydrog ?    ? A DC  8 N3    ? ? ? 1_555 B DG  1 N1 ? ? A DC  8  B DG  9  1_555 ? ? ? ? ? ? WATSON-CRICK ?     ? ? 
hydrog19 hydrog ?    ? A DC  8 N4    ? ? ? 1_555 B DG  1 O6 ? ? A DC  8  B DG  9  1_555 ? ? ? ? ? ? WATSON-CRICK ?     ? ? 
hydrog20 hydrog ?    ? A DC  8 O2    ? ? ? 1_555 B DG  1 N2 ? ? A DC  8  B DG  9  1_555 ? ? ? ? ? ? WATSON-CRICK ?     ? ? 
# 
loop_
_struct_conn_type.id 
_struct_conn_type.criteria 
_struct_conn_type.reference 
covale ? ? 
hydrog ? ? 
# 
_pdbx_validate_close_contact.id               1 
_pdbx_validate_close_contact.PDB_model_num    1 
_pdbx_validate_close_contact.auth_atom_id_1   "C5'" 
_pdbx_validate_close_contact.auth_asym_id_1   A 
_pdbx_validate_close_contact.auth_comp_id_1   DG 
_pdbx_validate_close_contact.auth_seq_id_1    1 
_pdbx_validate_close_contact.PDB_ins_code_1   ? 
_pdbx_validate_close_contact.label_alt_id_1   ? 
_pdbx_validate_close_contact.auth_atom_id_2   O 
_pdbx_validate_close_contact.auth_asym_id_2   A 
_pdbx_validate_close_contact.auth_comp_id_2   HOH 
_pdbx_validate_close_contact.auth_seq_id_2    79 
_pdbx_validate_close_contact.PDB_ins_code_2   ? 
_pdbx_validate_close_contact.label_alt_id_2   ? 
_pdbx_validate_close_contact.dist             1.94 
# 
loop_
_pdbx_validate_symm_contact.id 
_pdbx_validate_symm_contact.PDB_model_num 
_pdbx_validate_symm_contact.auth_atom_id_1 
_pdbx_validate_symm_contact.auth_asym_id_1 
_pdbx_validate_symm_contact.auth_comp_id_1 
_pdbx_validate_symm_contact.auth_seq_id_1 
_pdbx_validate_symm_contact.PDB_ins_code_1 
_pdbx_validate_symm_contact.label_alt_id_1 
_pdbx_validate_symm_contact.site_symmetry_1 
_pdbx_validate_symm_contact.auth_atom_id_2 
_pdbx_validate_symm_contact.auth_asym_id_2 
_pdbx_validate_symm_contact.auth_comp_id_2 
_pdbx_validate_symm_contact.auth_seq_id_2 
_pdbx_validate_symm_contact.PDB_ins_code_2 
_pdbx_validate_symm_contact.label_alt_id_2 
_pdbx_validate_symm_contact.site_symmetry_2 
_pdbx_validate_symm_contact.dist 
1 1 OP1 B DC  15 ? ? 1_555 O A HOH 83 ? ? 6_655 1.86 
2 1 O   A HOH 35 ? ? 1_555 O B HOH 88 ? ? 3_664 1.94 
3 1 O   A HOH 35 ? ? 1_555 O B HOH 26 ? ? 5_564 2.00 
# 
loop_
_pdbx_validate_rmsd_bond.id 
_pdbx_validate_rmsd_bond.PDB_model_num 
_pdbx_validate_rmsd_bond.auth_atom_id_1 
_pdbx_validate_rmsd_bond.auth_asym_id_1 
_pdbx_validate_rmsd_bond.auth_comp_id_1 
_pdbx_validate_rmsd_bond.auth_seq_id_1 
_pdbx_validate_rmsd_bond.PDB_ins_code_1 
_pdbx_validate_rmsd_bond.label_alt_id_1 
_pdbx_validate_rmsd_bond.auth_atom_id_2 
_pdbx_validate_rmsd_bond.auth_asym_id_2 
_pdbx_validate_rmsd_bond.auth_comp_id_2 
_pdbx_validate_rmsd_bond.auth_seq_id_2 
_pdbx_validate_rmsd_bond.PDB_ins_code_2 
_pdbx_validate_rmsd_bond.label_alt_id_2 
_pdbx_validate_rmsd_bond.bond_value 
_pdbx_validate_rmsd_bond.bond_target_value 
_pdbx_validate_rmsd_bond.bond_deviation 
_pdbx_validate_rmsd_bond.bond_standard_deviation 
_pdbx_validate_rmsd_bond.linker_flag 
1 1 P     A DA 4  ? ? "O5'" A DA  4  ? ? 1.657 1.593 0.064  0.010 N 
2 1 "O3'" A DA 4  ? ? P     A BRU 5  ? ? 1.524 1.607 -0.083 0.012 Y 
3 1 P     B DC 16 ? ? OP2   B DC  16 ? ? 1.375 1.485 -0.110 0.017 N 
# 
loop_
_pdbx_validate_rmsd_angle.id 
_pdbx_validate_rmsd_angle.PDB_model_num 
_pdbx_validate_rmsd_angle.auth_atom_id_1 
_pdbx_validate_rmsd_angle.auth_asym_id_1 
_pdbx_validate_rmsd_angle.auth_comp_id_1 
_pdbx_validate_rmsd_angle.auth_seq_id_1 
_pdbx_validate_rmsd_angle.PDB_ins_code_1 
_pdbx_validate_rmsd_angle.label_alt_id_1 
_pdbx_validate_rmsd_angle.auth_atom_id_2 
_pdbx_validate_rmsd_angle.auth_asym_id_2 
_pdbx_validate_rmsd_angle.auth_comp_id_2 
_pdbx_validate_rmsd_angle.auth_seq_id_2 
_pdbx_validate_rmsd_angle.PDB_ins_code_2 
_pdbx_validate_rmsd_angle.label_alt_id_2 
_pdbx_validate_rmsd_angle.auth_atom_id_3 
_pdbx_validate_rmsd_angle.auth_asym_id_3 
_pdbx_validate_rmsd_angle.auth_comp_id_3 
_pdbx_validate_rmsd_angle.auth_seq_id_3 
_pdbx_validate_rmsd_angle.PDB_ins_code_3 
_pdbx_validate_rmsd_angle.label_alt_id_3 
_pdbx_validate_rmsd_angle.angle_value 
_pdbx_validate_rmsd_angle.angle_target_value 
_pdbx_validate_rmsd_angle.angle_deviation 
_pdbx_validate_rmsd_angle.angle_standard_deviation 
_pdbx_validate_rmsd_angle.linker_flag 
1  1 "C5'" A DG  1  ? ? "C4'" A DG 1  ? ? "C3'" A DG 1  ? ? 125.84 115.70 10.14 1.20 N 
2  1 OP1   A DG  2  ? ? P     A DG 2  ? ? OP2   A DG 2  ? ? 129.29 119.60 9.69  1.50 N 
3  1 "O5'" A DG  2  ? ? P     A DG 2  ? ? OP1   A DG 2  ? ? 98.13  105.70 -7.57 0.90 N 
4  1 "O4'" A DA  4  ? ? "C4'" A DA 4  ? ? "C3'" A DA 4  ? ? 101.84 104.50 -2.66 0.40 N 
5  1 "O4'" A DA  4  ? ? "C1'" A DA 4  ? ? N9    A DA 4  ? ? 103.05 108.00 -4.95 0.70 N 
6  1 "O3'" A BRU 5  ? ? P     A DA 6  ? ? OP2   A DA 6  ? ? 120.32 110.50 9.82  1.10 Y 
7  1 "O3'" A DA  6  ? ? P     A DC 7  ? ? OP2   A DC 7  ? ? 119.37 110.50 8.87  1.10 Y 
8  1 "O4'" A DC  7  ? ? "C1'" A DC 7  ? ? N1    A DC 7  ? ? 110.21 108.30 1.91  0.30 N 
9  1 "O4'" A DC  8  ? ? "C4'" A DC 8  ? ? "C3'" A DC 8  ? ? 99.78  104.50 -4.72 0.40 N 
10 1 "C5'" B DG  9  ? ? "C4'" B DG 9  ? ? "O4'" B DG 9  ? ? 117.01 109.80 7.21  1.10 N 
11 1 "C4'" B DG  9  ? ? "C3'" B DG 9  ? ? "C2'" B DG 9  ? ? 97.73  102.20 -4.47 0.70 N 
12 1 C5    B DG  9  ? ? C6    B DG 9  ? ? N1    B DG 9  ? ? 114.75 111.50 3.25  0.50 N 
13 1 "O3'" B BRU 11 ? ? P     B DA 12 ? ? OP2   B DA 12 ? ? 117.33 110.50 6.83  1.10 Y 
14 1 "O5'" B DA  12 ? ? P     B DA 12 ? ? OP2   B DA 12 ? ? 99.82  105.70 -5.88 0.90 N 
15 1 "O4'" B DA  14 ? ? "C4'" B DA 14 ? ? "C3'" B DA 14 ? ? 101.62 104.50 -2.88 0.40 N 
16 1 OP1   B DC  16 ? ? P     B DC 16 ? ? OP2   B DC 16 ? ? 136.80 119.60 17.20 1.50 N 
# 
loop_
_pdbx_struct_mod_residue.id 
_pdbx_struct_mod_residue.label_asym_id 
_pdbx_struct_mod_residue.label_comp_id 
_pdbx_struct_mod_residue.label_seq_id 
_pdbx_struct_mod_residue.auth_asym_id 
_pdbx_struct_mod_residue.auth_comp_id 
_pdbx_struct_mod_residue.auth_seq_id 
_pdbx_struct_mod_residue.PDB_ins_code 
_pdbx_struct_mod_residue.parent_comp_id 
_pdbx_struct_mod_residue.details 
1 A BRU 3 A BRU 3  ? DU ? 
2 A BRU 5 A BRU 5  ? DU ? 
3 B BRU 3 B BRU 11 ? DU ? 
4 B BRU 5 B BRU 13 ? DU ? 
# 
loop_
_refine_B_iso.class 
_refine_B_iso.details 
_refine_B_iso.treatment 
_refine_B_iso.pdbx_refine_id 
'ALL ATOMS'  TR isotropic 'X-RAY DIFFRACTION' 
'ALL WATERS' TR isotropic 'X-RAY DIFFRACTION' 
# 
loop_
_refine_occupancy.class 
_refine_occupancy.treatment 
_refine_occupancy.pdbx_refine_id 
'ALL ATOMS'  fix 'X-RAY DIFFRACTION' 
'ALL WATERS' fix 'X-RAY DIFFRACTION' 
# 
loop_
_chem_comp_atom.comp_id 
_chem_comp_atom.atom_id 
_chem_comp_atom.type_symbol 
_chem_comp_atom.pdbx_aromatic_flag 
_chem_comp_atom.pdbx_stereo_config 
_chem_comp_atom.pdbx_ordinal 
BRU N1     N  N N 1   
BRU C2     C  N N 2   
BRU N3     N  N N 3   
BRU C4     C  N N 4   
BRU C5     C  N N 5   
BRU C6     C  N N 6   
BRU O2     O  N N 7   
BRU O4     O  N N 8   
BRU BR     BR N N 9   
BRU "C1'"  C  N R 10  
BRU "C2'"  C  N N 11  
BRU "C3'"  C  N S 12  
BRU "C4'"  C  N R 13  
BRU "O3'"  O  N N 14  
BRU "O4'"  O  N N 15  
BRU "C5'"  C  N N 16  
BRU "O5'"  O  N N 17  
BRU P      P  N N 18  
BRU OP1    O  N N 19  
BRU OP2    O  N N 20  
BRU OP3    O  N N 21  
BRU HN3    H  N N 22  
BRU H6     H  N N 23  
BRU "H1'"  H  N N 24  
BRU "H2'"  H  N N 25  
BRU "H2''" H  N N 26  
BRU "H3'"  H  N N 27  
BRU "H4'"  H  N N 28  
BRU "HO3'" H  N N 29  
BRU "H5'"  H  N N 30  
BRU "H5''" H  N N 31  
BRU HOP2   H  N N 32  
BRU HOP3   H  N N 33  
DA  OP3    O  N N 34  
DA  P      P  N N 35  
DA  OP1    O  N N 36  
DA  OP2    O  N N 37  
DA  "O5'"  O  N N 38  
DA  "C5'"  C  N N 39  
DA  "C4'"  C  N R 40  
DA  "O4'"  O  N N 41  
DA  "C3'"  C  N S 42  
DA  "O3'"  O  N N 43  
DA  "C2'"  C  N N 44  
DA  "C1'"  C  N R 45  
DA  N9     N  Y N 46  
DA  C8     C  Y N 47  
DA  N7     N  Y N 48  
DA  C5     C  Y N 49  
DA  C6     C  Y N 50  
DA  N6     N  N N 51  
DA  N1     N  Y N 52  
DA  C2     C  Y N 53  
DA  N3     N  Y N 54  
DA  C4     C  Y N 55  
DA  HOP3   H  N N 56  
DA  HOP2   H  N N 57  
DA  "H5'"  H  N N 58  
DA  "H5''" H  N N 59  
DA  "H4'"  H  N N 60  
DA  "H3'"  H  N N 61  
DA  "HO3'" H  N N 62  
DA  "H2'"  H  N N 63  
DA  "H2''" H  N N 64  
DA  "H1'"  H  N N 65  
DA  H8     H  N N 66  
DA  H61    H  N N 67  
DA  H62    H  N N 68  
DA  H2     H  N N 69  
DC  OP3    O  N N 70  
DC  P      P  N N 71  
DC  OP1    O  N N 72  
DC  OP2    O  N N 73  
DC  "O5'"  O  N N 74  
DC  "C5'"  C  N N 75  
DC  "C4'"  C  N R 76  
DC  "O4'"  O  N N 77  
DC  "C3'"  C  N S 78  
DC  "O3'"  O  N N 79  
DC  "C2'"  C  N N 80  
DC  "C1'"  C  N R 81  
DC  N1     N  N N 82  
DC  C2     C  N N 83  
DC  O2     O  N N 84  
DC  N3     N  N N 85  
DC  C4     C  N N 86  
DC  N4     N  N N 87  
DC  C5     C  N N 88  
DC  C6     C  N N 89  
DC  HOP3   H  N N 90  
DC  HOP2   H  N N 91  
DC  "H5'"  H  N N 92  
DC  "H5''" H  N N 93  
DC  "H4'"  H  N N 94  
DC  "H3'"  H  N N 95  
DC  "HO3'" H  N N 96  
DC  "H2'"  H  N N 97  
DC  "H2''" H  N N 98  
DC  "H1'"  H  N N 99  
DC  H41    H  N N 100 
DC  H42    H  N N 101 
DC  H5     H  N N 102 
DC  H6     H  N N 103 
DG  OP3    O  N N 104 
DG  P      P  N N 105 
DG  OP1    O  N N 106 
DG  OP2    O  N N 107 
DG  "O5'"  O  N N 108 
DG  "C5'"  C  N N 109 
DG  "C4'"  C  N R 110 
DG  "O4'"  O  N N 111 
DG  "C3'"  C  N S 112 
DG  "O3'"  O  N N 113 
DG  "C2'"  C  N N 114 
DG  "C1'"  C  N R 115 
DG  N9     N  Y N 116 
DG  C8     C  Y N 117 
DG  N7     N  Y N 118 
DG  C5     C  Y N 119 
DG  C6     C  N N 120 
DG  O6     O  N N 121 
DG  N1     N  N N 122 
DG  C2     C  N N 123 
DG  N2     N  N N 124 
DG  N3     N  N N 125 
DG  C4     C  Y N 126 
DG  HOP3   H  N N 127 
DG  HOP2   H  N N 128 
DG  "H5'"  H  N N 129 
DG  "H5''" H  N N 130 
DG  "H4'"  H  N N 131 
DG  "H3'"  H  N N 132 
DG  "HO3'" H  N N 133 
DG  "H2'"  H  N N 134 
DG  "H2''" H  N N 135 
DG  "H1'"  H  N N 136 
DG  H8     H  N N 137 
DG  H1     H  N N 138 
DG  H21    H  N N 139 
DG  H22    H  N N 140 
HOH O      O  N N 141 
HOH H1     H  N N 142 
HOH H2     H  N N 143 
# 
loop_
_chem_comp_bond.comp_id 
_chem_comp_bond.atom_id_1 
_chem_comp_bond.atom_id_2 
_chem_comp_bond.value_order 
_chem_comp_bond.pdbx_aromatic_flag 
_chem_comp_bond.pdbx_stereo_config 
_chem_comp_bond.pdbx_ordinal 
BRU N1    C2     sing N N 1   
BRU N1    C6     sing N N 2   
BRU N1    "C1'"  sing N N 3   
BRU C2    N3     sing N N 4   
BRU C2    O2     doub N N 5   
BRU N3    C4     sing N N 6   
BRU N3    HN3    sing N N 7   
BRU C4    C5     sing N N 8   
BRU C4    O4     doub N N 9   
BRU C5    C6     doub N N 10  
BRU C5    BR     sing N N 11  
BRU C6    H6     sing N N 12  
BRU "C1'" "C2'"  sing N N 13  
BRU "C1'" "O4'"  sing N N 14  
BRU "C1'" "H1'"  sing N N 15  
BRU "C2'" "C3'"  sing N N 16  
BRU "C2'" "H2'"  sing N N 17  
BRU "C2'" "H2''" sing N N 18  
BRU "C3'" "C4'"  sing N N 19  
BRU "C3'" "O3'"  sing N N 20  
BRU "C3'" "H3'"  sing N N 21  
BRU "C4'" "O4'"  sing N N 22  
BRU "C4'" "C5'"  sing N N 23  
BRU "C4'" "H4'"  sing N N 24  
BRU "O3'" "HO3'" sing N N 25  
BRU "C5'" "O5'"  sing N N 26  
BRU "C5'" "H5'"  sing N N 27  
BRU "C5'" "H5''" sing N N 28  
BRU "O5'" P      sing N N 29  
BRU P     OP1    doub N N 30  
BRU P     OP2    sing N N 31  
BRU P     OP3    sing N N 32  
BRU OP2   HOP2   sing N N 33  
BRU OP3   HOP3   sing N N 34  
DA  OP3   P      sing N N 35  
DA  OP3   HOP3   sing N N 36  
DA  P     OP1    doub N N 37  
DA  P     OP2    sing N N 38  
DA  P     "O5'"  sing N N 39  
DA  OP2   HOP2   sing N N 40  
DA  "O5'" "C5'"  sing N N 41  
DA  "C5'" "C4'"  sing N N 42  
DA  "C5'" "H5'"  sing N N 43  
DA  "C5'" "H5''" sing N N 44  
DA  "C4'" "O4'"  sing N N 45  
DA  "C4'" "C3'"  sing N N 46  
DA  "C4'" "H4'"  sing N N 47  
DA  "O4'" "C1'"  sing N N 48  
DA  "C3'" "O3'"  sing N N 49  
DA  "C3'" "C2'"  sing N N 50  
DA  "C3'" "H3'"  sing N N 51  
DA  "O3'" "HO3'" sing N N 52  
DA  "C2'" "C1'"  sing N N 53  
DA  "C2'" "H2'"  sing N N 54  
DA  "C2'" "H2''" sing N N 55  
DA  "C1'" N9     sing N N 56  
DA  "C1'" "H1'"  sing N N 57  
DA  N9    C8     sing Y N 58  
DA  N9    C4     sing Y N 59  
DA  C8    N7     doub Y N 60  
DA  C8    H8     sing N N 61  
DA  N7    C5     sing Y N 62  
DA  C5    C6     sing Y N 63  
DA  C5    C4     doub Y N 64  
DA  C6    N6     sing N N 65  
DA  C6    N1     doub Y N 66  
DA  N6    H61    sing N N 67  
DA  N6    H62    sing N N 68  
DA  N1    C2     sing Y N 69  
DA  C2    N3     doub Y N 70  
DA  C2    H2     sing N N 71  
DA  N3    C4     sing Y N 72  
DC  OP3   P      sing N N 73  
DC  OP3   HOP3   sing N N 74  
DC  P     OP1    doub N N 75  
DC  P     OP2    sing N N 76  
DC  P     "O5'"  sing N N 77  
DC  OP2   HOP2   sing N N 78  
DC  "O5'" "C5'"  sing N N 79  
DC  "C5'" "C4'"  sing N N 80  
DC  "C5'" "H5'"  sing N N 81  
DC  "C5'" "H5''" sing N N 82  
DC  "C4'" "O4'"  sing N N 83  
DC  "C4'" "C3'"  sing N N 84  
DC  "C4'" "H4'"  sing N N 85  
DC  "O4'" "C1'"  sing N N 86  
DC  "C3'" "O3'"  sing N N 87  
DC  "C3'" "C2'"  sing N N 88  
DC  "C3'" "H3'"  sing N N 89  
DC  "O3'" "HO3'" sing N N 90  
DC  "C2'" "C1'"  sing N N 91  
DC  "C2'" "H2'"  sing N N 92  
DC  "C2'" "H2''" sing N N 93  
DC  "C1'" N1     sing N N 94  
DC  "C1'" "H1'"  sing N N 95  
DC  N1    C2     sing N N 96  
DC  N1    C6     sing N N 97  
DC  C2    O2     doub N N 98  
DC  C2    N3     sing N N 99  
DC  N3    C4     doub N N 100 
DC  C4    N4     sing N N 101 
DC  C4    C5     sing N N 102 
DC  N4    H41    sing N N 103 
DC  N4    H42    sing N N 104 
DC  C5    C6     doub N N 105 
DC  C5    H5     sing N N 106 
DC  C6    H6     sing N N 107 
DG  OP3   P      sing N N 108 
DG  OP3   HOP3   sing N N 109 
DG  P     OP1    doub N N 110 
DG  P     OP2    sing N N 111 
DG  P     "O5'"  sing N N 112 
DG  OP2   HOP2   sing N N 113 
DG  "O5'" "C5'"  sing N N 114 
DG  "C5'" "C4'"  sing N N 115 
DG  "C5'" "H5'"  sing N N 116 
DG  "C5'" "H5''" sing N N 117 
DG  "C4'" "O4'"  sing N N 118 
DG  "C4'" "C3'"  sing N N 119 
DG  "C4'" "H4'"  sing N N 120 
DG  "O4'" "C1'"  sing N N 121 
DG  "C3'" "O3'"  sing N N 122 
DG  "C3'" "C2'"  sing N N 123 
DG  "C3'" "H3'"  sing N N 124 
DG  "O3'" "HO3'" sing N N 125 
DG  "C2'" "C1'"  sing N N 126 
DG  "C2'" "H2'"  sing N N 127 
DG  "C2'" "H2''" sing N N 128 
DG  "C1'" N9     sing N N 129 
DG  "C1'" "H1'"  sing N N 130 
DG  N9    C8     sing Y N 131 
DG  N9    C4     sing Y N 132 
DG  C8    N7     doub Y N 133 
DG  C8    H8     sing N N 134 
DG  N7    C5     sing Y N 135 
DG  C5    C6     sing N N 136 
DG  C5    C4     doub Y N 137 
DG  C6    O6     doub N N 138 
DG  C6    N1     sing N N 139 
DG  N1    C2     sing N N 140 
DG  N1    H1     sing N N 141 
DG  C2    N2     sing N N 142 
DG  C2    N3     doub N N 143 
DG  N2    H21    sing N N 144 
DG  N2    H22    sing N N 145 
DG  N3    C4     sing N N 146 
HOH O     H1     sing N N 147 
HOH O     H2     sing N N 148 
# 
_ndb_struct_conf_na.entry_id   115D 
_ndb_struct_conf_na.feature    'a-form double helix' 
# 
loop_
_ndb_struct_na_base_pair.model_number 
_ndb_struct_na_base_pair.i_label_asym_id 
_ndb_struct_na_base_pair.i_label_comp_id 
_ndb_struct_na_base_pair.i_label_seq_id 
_ndb_struct_na_base_pair.i_symmetry 
_ndb_struct_na_base_pair.j_label_asym_id 
_ndb_struct_na_base_pair.j_label_comp_id 
_ndb_struct_na_base_pair.j_label_seq_id 
_ndb_struct_na_base_pair.j_symmetry 
_ndb_struct_na_base_pair.shear 
_ndb_struct_na_base_pair.stretch 
_ndb_struct_na_base_pair.stagger 
_ndb_struct_na_base_pair.buckle 
_ndb_struct_na_base_pair.propeller 
_ndb_struct_na_base_pair.opening 
_ndb_struct_na_base_pair.pair_number 
_ndb_struct_na_base_pair.pair_name 
_ndb_struct_na_base_pair.i_auth_asym_id 
_ndb_struct_na_base_pair.i_auth_seq_id 
_ndb_struct_na_base_pair.i_PDB_ins_code 
_ndb_struct_na_base_pair.j_auth_asym_id 
_ndb_struct_na_base_pair.j_auth_seq_id 
_ndb_struct_na_base_pair.j_PDB_ins_code 
_ndb_struct_na_base_pair.hbond_type_28 
_ndb_struct_na_base_pair.hbond_type_12 
1 A DG  1 1_555 B DC  8 1_555 -0.362 -0.169 -0.143 -7.835  -5.405  -1.602 1 A_DG1:DC16_B  A 1 ? B 16 ? 19 1 
1 A DG  2 1_555 B DC  7 1_555 -0.287 -0.071 -0.154 -11.372 -9.608  1.223  2 A_DG2:DC15_B  A 2 ? B 15 ? 19 1 
1 A BRU 3 1_555 B DA  6 1_555 -0.051 -0.088 -0.022 -6.810  -9.201  -2.419 3 A_BRU3:DA14_B A 3 ? B 14 ? 20 1 
1 A DA  4 1_555 B BRU 5 1_555 0.096  -0.074 0.245  0.193   -7.217  1.580  4 A_DA4:BRU13_B A 4 ? B 13 ? 20 1 
1 A BRU 5 1_555 B DA  4 1_555 -0.099 -0.077 0.054  7.768   -9.279  4.237  5 A_BRU5:DA12_B A 5 ? B 12 ? 20 1 
1 A DA  6 1_555 B BRU 3 1_555 0.023  -0.097 -0.060 8.299   -13.438 0.947  6 A_DA6:BRU11_B A 6 ? B 11 ? 20 1 
1 A DC  7 1_555 B DG  2 1_555 0.385  -0.059 -0.106 8.276   -13.947 3.192  7 A_DC7:DG10_B  A 7 ? B 10 ? 19 1 
1 A DC  8 1_555 B DG  1 1_555 0.266  -0.099 -0.094 6.726   -1.093  -1.053 8 A_DC8:DG9_B   A 8 ? B 9  ? 19 1 
# 
loop_
_ndb_struct_na_base_pair_step.model_number 
_ndb_struct_na_base_pair_step.i_label_asym_id_1 
_ndb_struct_na_base_pair_step.i_label_comp_id_1 
_ndb_struct_na_base_pair_step.i_label_seq_id_1 
_ndb_struct_na_base_pair_step.i_symmetry_1 
_ndb_struct_na_base_pair_step.j_label_asym_id_1 
_ndb_struct_na_base_pair_step.j_label_comp_id_1 
_ndb_struct_na_base_pair_step.j_label_seq_id_1 
_ndb_struct_na_base_pair_step.j_symmetry_1 
_ndb_struct_na_base_pair_step.i_label_asym_id_2 
_ndb_struct_na_base_pair_step.i_label_comp_id_2 
_ndb_struct_na_base_pair_step.i_label_seq_id_2 
_ndb_struct_na_base_pair_step.i_symmetry_2 
_ndb_struct_na_base_pair_step.j_label_asym_id_2 
_ndb_struct_na_base_pair_step.j_label_comp_id_2 
_ndb_struct_na_base_pair_step.j_label_seq_id_2 
_ndb_struct_na_base_pair_step.j_symmetry_2 
_ndb_struct_na_base_pair_step.shift 
_ndb_struct_na_base_pair_step.slide 
_ndb_struct_na_base_pair_step.rise 
_ndb_struct_na_base_pair_step.tilt 
_ndb_struct_na_base_pair_step.roll 
_ndb_struct_na_base_pair_step.twist 
_ndb_struct_na_base_pair_step.x_displacement 
_ndb_struct_na_base_pair_step.y_displacement 
_ndb_struct_na_base_pair_step.helical_rise 
_ndb_struct_na_base_pair_step.inclination 
_ndb_struct_na_base_pair_step.tip 
_ndb_struct_na_base_pair_step.helical_twist 
_ndb_struct_na_base_pair_step.step_number 
_ndb_struct_na_base_pair_step.step_name 
_ndb_struct_na_base_pair_step.i_auth_asym_id_1 
_ndb_struct_na_base_pair_step.i_auth_seq_id_1 
_ndb_struct_na_base_pair_step.i_PDB_ins_code_1 
_ndb_struct_na_base_pair_step.j_auth_asym_id_1 
_ndb_struct_na_base_pair_step.j_auth_seq_id_1 
_ndb_struct_na_base_pair_step.j_PDB_ins_code_1 
_ndb_struct_na_base_pair_step.i_auth_asym_id_2 
_ndb_struct_na_base_pair_step.i_auth_seq_id_2 
_ndb_struct_na_base_pair_step.i_PDB_ins_code_2 
_ndb_struct_na_base_pair_step.j_auth_asym_id_2 
_ndb_struct_na_base_pair_step.j_auth_seq_id_2 
_ndb_struct_na_base_pair_step.j_PDB_ins_code_2 
1 A DG  1 1_555 B DC  8 1_555 A DG  2 1_555 B DC  7 1_555 0.149  -1.834 3.465 -0.138 7.466  33.570 -4.270 -0.273 3.000 12.731 
0.235  34.367 1 AA_DG1DG2:DC15DC16_BB   A 1 ? B 16 ? A 2 ? B 15 ? 
1 A DG  2 1_555 B DC  7 1_555 A BRU 3 1_555 B DA  6 1_555 -0.592 -1.237 3.302 0.044  0.826  33.143 -2.308 1.045  3.270 1.447  
-0.076 33.153 2 AA_DG2BRU3:DA14DC15_BB  A 2 ? B 15 ? A 3 ? B 14 ? 
1 A BRU 3 1_555 B DA  6 1_555 A DA  4 1_555 B BRU 5 1_555 0.248  -1.220 3.103 -2.276 10.280 30.220 -3.868 -0.817 2.537 19.007 
4.208  31.961 3 AA_BRU3DA4:BRU13DA14_BB A 3 ? B 14 ? A 4 ? B 13 ? 
1 A DA  4 1_555 B BRU 5 1_555 A BRU 5 1_555 B DA  4 1_555 0.364  -1.087 3.238 1.376  3.399  30.229 -2.732 -0.425 3.113 6.487  
-2.627 30.446 4 AA_DA4BRU5:DA12BRU13_BB A 4 ? B 13 ? A 5 ? B 12 ? 
1 A BRU 5 1_555 B DA  4 1_555 A DA  6 1_555 B BRU 3 1_555 -0.506 -1.295 3.270 0.147  11.528 31.067 -4.089 0.912  2.633 20.653 
-0.263 33.088 5 AA_BRU5DA6:BRU11DA12_BB A 5 ? B 12 ? A 6 ? B 11 ? 
1 A DA  6 1_555 B BRU 3 1_555 A DC  7 1_555 B DG  2 1_555 0.641  -1.403 3.333 0.484  4.697  33.548 -3.158 -1.023 3.123 8.088  
-0.834 33.869 6 AA_DA6DC7:DG10BRU11_BB  A 6 ? B 11 ? A 7 ? B 10 ? 
1 A DC  7 1_555 B DG  2 1_555 A DC  8 1_555 B DG  1 1_555 -0.299 -1.887 3.398 -0.443 9.706  30.311 -5.138 0.468  2.685 17.990 
0.822  31.796 7 AA_DC7DC8:DG9DG10_BB    A 7 ? B 10 ? A 8 ? B 9  ? 
# 
_atom_sites.entry_id                    115D 
_atom_sites.fract_transf_matrix[1][1]   -0.01541941 
_atom_sites.fract_transf_matrix[1][2]   -0.01800463 
_atom_sites.fract_transf_matrix[1][3]   -0.00969873 
_atom_sites.fract_transf_matrix[2][1]   0.00962442 
_atom_sites.fract_transf_matrix[2][2]   -0.02266651 
_atom_sites.fract_transf_matrix[2][3]   -0.00704092 
_atom_sites.fract_transf_matrix[3][1]   -0.00392664 
_atom_sites.fract_transf_matrix[3][2]   -0.00851895 
_atom_sites.fract_transf_matrix[3][3]   0.02205724 
_atom_sites.fract_transf_vector[1]      0.949796 
_atom_sites.fract_transf_vector[2]      0.429581 
_atom_sites.fract_transf_vector[3]      0.024344 
# 
loop_
_atom_type.symbol 
BR 
C  
N  
O  
P  
# 
loop_
_atom_site.group_PDB 
_atom_site.id 
_atom_site.type_symbol 
_atom_site.label_atom_id 
_atom_site.label_alt_id 
_atom_site.label_comp_id 
_atom_site.label_asym_id 
_atom_site.label_entity_id 
_atom_site.label_seq_id 
_atom_site.pdbx_PDB_ins_code 
_atom_site.Cartn_x 
_atom_site.Cartn_y 
_atom_site.Cartn_z 
_atom_site.occupancy 
_atom_site.B_iso_or_equiv 
_atom_site.pdbx_formal_charge 
_atom_site.auth_seq_id 
_atom_site.auth_comp_id 
_atom_site.auth_asym_id 
_atom_site.auth_atom_id 
_atom_site.pdbx_PDB_model_num 
ATOM   1   O  "O5'" . DG  A 1 1 ? 9.813   2.602   -7.170  1.00 16.20 ? 1   DG  A "O5'" 1 
ATOM   2   C  "C5'" . DG  A 1 1 ? 10.292  3.075   -8.462  1.00 16.20 ? 1   DG  A "C5'" 1 
ATOM   3   C  "C4'" . DG  A 1 1 ? 9.261   2.976   -9.554  1.00 16.20 ? 1   DG  A "C4'" 1 
ATOM   4   O  "O4'" . DG  A 1 1 ? 9.500   1.818   -10.349 1.00 16.20 ? 1   DG  A "O4'" 1 
ATOM   5   C  "C3'" . DG  A 1 1 ? 7.775   3.032   -9.365  1.00 16.20 ? 1   DG  A "C3'" 1 
ATOM   6   O  "O3'" . DG  A 1 1 ? 7.276   4.361   -9.245  1.00 16.20 ? 1   DG  A "O3'" 1 
ATOM   7   C  "C2'" . DG  A 1 1 ? 7.209   2.296   -10.593 1.00 16.20 ? 1   DG  A "C2'" 1 
ATOM   8   C  "C1'" . DG  A 1 1 ? 8.267   1.224   -10.819 1.00 16.20 ? 1   DG  A "C1'" 1 
ATOM   9   N  N9    . DG  A 1 1 ? 8.026   0.011   -9.998  1.00 14.60 ? 1   DG  A N9    1 
ATOM   10  C  C8    . DG  A 1 1 ? 8.768   -0.542  -8.978  1.00 14.60 ? 1   DG  A C8    1 
ATOM   11  N  N7    . DG  A 1 1 ? 8.229   -1.614  -8.490  1.00 14.60 ? 1   DG  A N7    1 
ATOM   12  C  C5    . DG  A 1 1 ? 7.090   -1.833  -9.258  1.00 14.60 ? 1   DG  A C5    1 
ATOM   13  C  C6    . DG  A 1 1 ? 6.088   -2.830  -9.205  1.00 14.60 ? 1   DG  A C6    1 
ATOM   14  O  O6    . DG  A 1 1 ? 6.029   -3.800  -8.430  1.00 14.60 ? 1   DG  A O6    1 
ATOM   15  N  N1    . DG  A 1 1 ? 5.133   -2.697  -10.199 1.00 14.60 ? 1   DG  A N1    1 
ATOM   16  C  C2    . DG  A 1 1 ? 5.083   -1.673  -11.096 1.00 14.60 ? 1   DG  A C2    1 
ATOM   17  N  N2    . DG  A 1 1 ? 4.040   -1.585  -11.940 1.00 14.60 ? 1   DG  A N2    1 
ATOM   18  N  N3    . DG  A 1 1 ? 6.010   -0.732  -11.152 1.00 14.60 ? 1   DG  A N3    1 
ATOM   19  C  C4    . DG  A 1 1 ? 6.974   -0.858  -10.227 1.00 14.60 ? 1   DG  A C4    1 
ATOM   20  P  P     . DG  A 1 2 ? 6.092   4.698   -8.256  1.00 17.80 ? 2   DG  A P     1 
ATOM   21  O  OP1   . DG  A 1 2 ? 5.756   6.067   -8.525  1.00 17.80 ? 2   DG  A OP1   1 
ATOM   22  O  OP2   . DG  A 1 2 ? 6.280   4.046   -7.006  1.00 17.80 ? 2   DG  A OP2   1 
ATOM   23  O  "O5'" . DG  A 1 2 ? 4.805   4.001   -8.966  1.00 16.20 ? 2   DG  A "O5'" 1 
ATOM   24  C  "C5'" . DG  A 1 2 ? 4.313   4.483   -10.224 1.00 16.20 ? 2   DG  A "C5'" 1 
ATOM   25  C  "C4'" . DG  A 1 2 ? 3.185   3.569   -10.669 1.00 16.20 ? 2   DG  A "C4'" 1 
ATOM   26  O  "O4'" . DG  A 1 2 ? 3.650   2.220   -10.840 1.00 16.20 ? 2   DG  A "O4'" 1 
ATOM   27  C  "C3'" . DG  A 1 2 ? 1.995   3.469   -9.714  1.00 16.20 ? 2   DG  A "C3'" 1 
ATOM   28  O  "O3'" . DG  A 1 2 ? 1.113   4.564   -9.892  1.00 16.20 ? 2   DG  A "O3'" 1 
ATOM   29  C  "C2'" . DG  A 1 2 ? 1.362   2.155   -10.184 1.00 16.20 ? 2   DG  A "C2'" 1 
ATOM   30  C  "C1'" . DG  A 1 2 ? 2.581   1.316   -10.468 1.00 16.20 ? 2   DG  A "C1'" 1 
ATOM   31  N  N9    . DG  A 1 2 ? 3.085   0.543   -9.322  1.00 14.60 ? 2   DG  A N9    1 
ATOM   32  C  C8    . DG  A 1 2 ? 4.218   0.683   -8.580  1.00 14.60 ? 2   DG  A C8    1 
ATOM   33  N  N7    . DG  A 1 2 ? 4.342   -0.277  -7.678  1.00 14.60 ? 2   DG  A N7    1 
ATOM   34  C  C5    . DG  A 1 2 ? 3.243   -1.108  -7.878  1.00 14.60 ? 2   DG  A C5    1 
ATOM   35  C  C6    . DG  A 1 2 ? 2.872   -2.310  -7.210  1.00 14.60 ? 2   DG  A C6    1 
ATOM   36  O  O6    . DG  A 1 2 ? 3.441   -2.956  -6.329  1.00 14.60 ? 2   DG  A O6    1 
ATOM   37  N  N1    . DG  A 1 2 ? 1.715   -2.840  -7.757  1.00 14.60 ? 2   DG  A N1    1 
ATOM   38  C  C2    . DG  A 1 2 ? 0.978   -2.259  -8.775  1.00 14.60 ? 2   DG  A C2    1 
ATOM   39  N  N2    . DG  A 1 2 ? -0.148  -2.866  -9.155  1.00 14.60 ? 2   DG  A N2    1 
ATOM   40  N  N3    . DG  A 1 2 ? 1.289   -1.088  -9.351  1.00 14.60 ? 2   DG  A N3    1 
ATOM   41  C  C4    . DG  A 1 2 ? 2.494   -0.638  -8.908  1.00 14.60 ? 2   DG  A C4    1 
HETATM 42  N  N1    . BRU A 1 3 ? -1.534  0.112   -7.349  1.00 14.60 ? 3   BRU A N1    1 
HETATM 43  C  C2    . BRU A 1 3 ? -1.640  -1.126  -6.717  1.00 14.60 ? 3   BRU A C2    1 
HETATM 44  N  N3    . BRU A 1 3 ? -0.725  -1.300  -5.715  1.00 14.60 ? 3   BRU A N3    1 
HETATM 45  C  C4    . BRU A 1 3 ? 0.366   -0.494  -5.445  1.00 14.60 ? 3   BRU A C4    1 
HETATM 46  C  C5    . BRU A 1 3 ? 0.459   0.732   -6.198  1.00 14.60 ? 3   BRU A C5    1 
HETATM 47  C  C6    . BRU A 1 3 ? -0.505  0.993   -7.066  1.00 14.60 ? 3   BRU A C6    1 
HETATM 48  O  O2    . BRU A 1 3 ? -2.606  -1.825  -6.842  1.00 14.60 ? 3   BRU A O2    1 
HETATM 49  O  O4    . BRU A 1 3 ? 1.144   -0.893  -4.599  1.00 14.60 ? 3   BRU A O4    1 
HETATM 50  BR BR    . BRU A 1 3 ? 1.842   1.872   -5.847  1.00 14.60 ? 3   BRU A BR    1 
HETATM 51  C  "C1'" . BRU A 1 3 ? -2.508  0.356   -8.407  1.00 16.20 ? 3   BRU A "C1'" 1 
HETATM 52  C  "C2'" . BRU A 1 3 ? -3.840  0.900   -7.918  1.00 16.20 ? 3   BRU A "C2'" 1 
HETATM 53  C  "C3'" . BRU A 1 3 ? -3.503  2.392   -7.948  1.00 16.20 ? 3   BRU A "C3'" 1 
HETATM 54  C  "C4'" . BRU A 1 3 ? -2.806  2.502   -9.291  1.00 16.20 ? 3   BRU A "C4'" 1 
HETATM 55  O  "O3'" . BRU A 1 3 ? -4.647  3.244   -7.896  1.00 16.20 ? 3   BRU A "O3'" 1 
HETATM 56  O  "O4'" . BRU A 1 3 ? -1.960  1.333   -9.312  1.00 16.20 ? 3   BRU A "O4'" 1 
HETATM 57  C  "C5'" . BRU A 1 3 ? -1.998  3.744   -9.615  1.00 16.20 ? 3   BRU A "C5'" 1 
HETATM 58  O  "O5'" . BRU A 1 3 ? -0.923  3.905   -8.664  1.00 16.20 ? 3   BRU A "O5'" 1 
HETATM 59  P  P     . BRU A 1 3 ? 0.174   5.083   -8.703  1.00 17.80 ? 3   BRU A P     1 
HETATM 60  O  OP1   . BRU A 1 3 ? -0.445  6.248   -9.283  1.00 17.80 ? 3   BRU A OP1   1 
HETATM 61  O  OP2   . BRU A 1 3 ? 0.939   5.081   -7.493  1.00 17.80 ? 3   BRU A OP2   1 
ATOM   62  P  P     . DA  A 1 4 ? -5.011  3.955   -6.525  1.00 17.80 ? 4   DA  A P     1 
ATOM   63  O  OP1   . DA  A 1 4 ? -6.177  4.760   -6.834  1.00 17.80 ? 4   DA  A OP1   1 
ATOM   64  O  OP2   . DA  A 1 4 ? -3.900  4.400   -5.730  1.00 17.80 ? 4   DA  A OP2   1 
ATOM   65  O  "O5'" . DA  A 1 4 ? -5.606  2.599   -5.781  1.00 16.20 ? 4   DA  A "O5'" 1 
ATOM   66  C  "C5'" . DA  A 1 4 ? -6.811  2.000   -6.267  1.00 16.20 ? 4   DA  A "C5'" 1 
ATOM   67  C  "C4'" . DA  A 1 4 ? -7.048  0.739   -5.455  1.00 16.20 ? 4   DA  A "C4'" 1 
ATOM   68  O  "O4'" . DA  A 1 4 ? -5.838  -0.043  -5.524  1.00 16.20 ? 4   DA  A "O4'" 1 
ATOM   69  C  "C3'" . DA  A 1 4 ? -7.219  0.925   -3.931  1.00 16.20 ? 4   DA  A "C3'" 1 
ATOM   70  O  "O3'" . DA  A 1 4 ? -8.592  1.257   -3.644  1.00 16.20 ? 4   DA  A "O3'" 1 
ATOM   71  C  "C2'" . DA  A 1 4 ? -6.890  -0.478  -3.435  1.00 16.20 ? 4   DA  A "C2'" 1 
ATOM   72  C  "C1'" . DA  A 1 4 ? -5.756  -0.881  -4.337  1.00 16.20 ? 4   DA  A "C1'" 1 
ATOM   73  N  N9    . DA  A 1 4 ? -4.402  -0.591  -3.815  1.00 14.60 ? 4   DA  A N9    1 
ATOM   74  C  C8    . DA  A 1 4 ? -3.597  0.481   -4.097  1.00 14.60 ? 4   DA  A C8    1 
ATOM   75  N  N7    . DA  A 1 4 ? -2.427  0.451   -3.520  1.00 14.60 ? 4   DA  A N7    1 
ATOM   76  C  C5    . DA  A 1 4 ? -2.454  -0.709  -2.785  1.00 14.60 ? 4   DA  A C5    1 
ATOM   77  C  C6    . DA  A 1 4 ? -1.563  -1.272  -1.859  1.00 14.60 ? 4   DA  A C6    1 
ATOM   78  N  N6    . DA  A 1 4 ? -0.354  -0.795  -1.587  1.00 14.60 ? 4   DA  A N6    1 
ATOM   79  N  N1    . DA  A 1 4 ? -1.899  -2.472  -1.336  1.00 14.60 ? 4   DA  A N1    1 
ATOM   80  C  C2    . DA  A 1 4 ? -3.113  -3.018  -1.604  1.00 14.60 ? 4   DA  A C2    1 
ATOM   81  N  N3    . DA  A 1 4 ? -4.056  -2.493  -2.358  1.00 14.60 ? 4   DA  A N3    1 
ATOM   82  C  C4    . DA  A 1 4 ? -3.642  -1.386  -2.999  1.00 14.60 ? 4   DA  A C4    1 
HETATM 83  N  N1    . BRU A 1 5 ? -5.636  -0.912  0.528   1.00 14.60 ? 5   BRU A N1    1 
HETATM 84  C  C2    . BRU A 1 5 ? -4.509  -1.310  1.205   1.00 14.60 ? 5   BRU A C2    1 
HETATM 85  N  N3    . BRU A 1 5 ? -3.381  -0.551  1.074   1.00 14.60 ? 5   BRU A N3    1 
HETATM 86  C  C4    . BRU A 1 5 ? -3.313  0.656   0.414   1.00 14.60 ? 5   BRU A C4    1 
HETATM 87  C  C5    . BRU A 1 5 ? -4.525  1.045   -0.268  1.00 14.60 ? 5   BRU A C5    1 
HETATM 88  C  C6    . BRU A 1 5 ? -5.627  0.318   -0.114  1.00 14.60 ? 5   BRU A C6    1 
HETATM 89  O  O2    . BRU A 1 5 ? -4.532  -2.342  1.827   1.00 14.60 ? 5   BRU A O2    1 
HETATM 90  O  O4    . BRU A 1 5 ? -2.218  1.207   0.391   1.00 14.60 ? 5   BRU A O4    1 
HETATM 91  BR BR    . BRU A 1 5 ? -4.536  2.624   -1.192  1.00 14.60 ? 5   BRU A BR    1 
HETATM 92  C  "C1'" . BRU A 1 5 ? -6.833  -1.760  0.695   1.00 16.20 ? 5   BRU A "C1'" 1 
HETATM 93  C  "C2'" . BRU A 1 5 ? -7.689  -1.503  1.952   1.00 16.20 ? 5   BRU A "C2'" 1 
HETATM 94  C  "C3'" . BRU A 1 5 ? -8.655  -0.459  1.413   1.00 16.20 ? 5   BRU A "C3'" 1 
HETATM 95  C  "C4'" . BRU A 1 5 ? -9.028  -1.103  0.082   1.00 16.20 ? 5   BRU A "C4'" 1 
HETATM 96  O  "O3'" . BRU A 1 5 ? -9.831  -0.404  2.254   1.00 16.20 ? 5   BRU A "O3'" 1 
HETATM 97  O  "O4'" . BRU A 1 5 ? -7.735  -1.507  -0.370  1.00 16.20 ? 5   BRU A "O4'" 1 
HETATM 98  C  "C5'" . BRU A 1 5 ? -9.560  -0.186  -1.001  1.00 16.20 ? 5   BRU A "C5'" 1 
HETATM 99  O  "O5'" . BRU A 1 5 ? -8.757  1.015   -1.128  1.00 16.20 ? 5   BRU A "O5'" 1 
HETATM 100 P  P     . BRU A 1 5 ? -8.946  2.044   -2.387  1.00 17.80 ? 5   BRU A P     1 
HETATM 101 O  OP1   . BRU A 1 5 ? -10.352 2.244   -2.583  1.00 17.80 ? 5   BRU A OP1   1 
HETATM 102 O  OP2   . BRU A 1 5 ? -8.078  3.157   -2.184  1.00 17.80 ? 5   BRU A OP2   1 
ATOM   103 P  P     . DA  A 1 6 ? -9.819  0.684   3.338   1.00 17.80 ? 6   DA  A P     1 
ATOM   104 O  OP1   . DA  A 1 6 ? -11.199 0.804   3.805   1.00 17.80 ? 6   DA  A OP1   1 
ATOM   105 O  OP2   . DA  A 1 6 ? -9.152  2.013   3.077   1.00 17.80 ? 6   DA  A OP2   1 
ATOM   106 O  "O5'" . DA  A 1 6 ? -9.042  -0.035  4.541   1.00 16.20 ? 6   DA  A "O5'" 1 
ATOM   107 C  "C5'" . DA  A 1 6 ? -9.443  -1.289  5.096   1.00 16.20 ? 6   DA  A "C5'" 1 
ATOM   108 C  "C4'" . DA  A 1 6 ? -8.388  -1.738  6.053   1.00 16.20 ? 6   DA  A "C4'" 1 
ATOM   109 O  "O4'" . DA  A 1 6 ? -7.215  -2.100  5.315   1.00 16.20 ? 6   DA  A "O4'" 1 
ATOM   110 C  "C3'" . DA  A 1 6 ? -7.913  -0.681  7.045   1.00 16.20 ? 6   DA  A "C3'" 1 
ATOM   111 O  "O3'" . DA  A 1 6 ? -8.732  -0.735  8.242   1.00 16.20 ? 6   DA  A "O3'" 1 
ATOM   112 C  "C2'" . DA  A 1 6 ? -6.526  -1.232  7.378   1.00 16.20 ? 6   DA  A "C2'" 1 
ATOM   113 C  "C1'" . DA  A 1 6 ? -6.027  -1.734  6.044   1.00 16.20 ? 6   DA  A "C1'" 1 
ATOM   114 N  N9    . DA  A 1 6 ? -5.286  -0.659  5.313   1.00 14.60 ? 6   DA  A N9    1 
ATOM   115 C  C8    . DA  A 1 6 ? -5.756  0.333   4.475   1.00 14.60 ? 6   DA  A C8    1 
ATOM   116 N  N7    . DA  A 1 6 ? -4.792  1.086   3.975   1.00 14.60 ? 6   DA  A N7    1 
ATOM   117 C  C5    . DA  A 1 6 ? -3.660  0.618   4.631   1.00 14.60 ? 6   DA  A C5    1 
ATOM   118 C  C6    . DA  A 1 6 ? -2.296  1.008   4.562   1.00 14.60 ? 6   DA  A C6    1 
ATOM   119 N  N6    . DA  A 1 6 ? -1.842  2.015   3.784   1.00 14.60 ? 6   DA  A N6    1 
ATOM   120 N  N1    . DA  A 1 6 ? -1.423  0.384   5.392   1.00 14.60 ? 6   DA  A N1    1 
ATOM   121 C  C2    . DA  A 1 6 ? -1.866  -0.620  6.158   1.00 14.60 ? 6   DA  A C2    1 
ATOM   122 N  N3    . DA  A 1 6 ? -3.107  -1.071  6.312   1.00 14.60 ? 6   DA  A N3    1 
ATOM   123 C  C4    . DA  A 1 6 ? -3.943  -0.407  5.499   1.00 14.60 ? 6   DA  A C4    1 
ATOM   124 P  P     . DC  A 1 7 ? -8.898  0.670   9.028   1.00 17.80 ? 7   DC  A P     1 
ATOM   125 O  OP1   . DC  A 1 7 ? -9.926  0.336   10.017  1.00 17.80 ? 7   DC  A OP1   1 
ATOM   126 O  OP2   . DC  A 1 7 ? -9.024  1.913   8.261   1.00 17.80 ? 7   DC  A OP2   1 
ATOM   127 O  "O5'" . DC  A 1 7 ? -7.574  0.865   9.913   1.00 16.20 ? 7   DC  A "O5'" 1 
ATOM   128 C  "C5'" . DC  A 1 7 ? -7.093  -0.191  10.789  1.00 16.20 ? 7   DC  A "C5'" 1 
ATOM   129 C  "C4'" . DC  A 1 7 ? -5.646  0.087   11.063  1.00 16.20 ? 7   DC  A "C4'" 1 
ATOM   130 O  "O4'" . DC  A 1 7 ? -4.899  -0.043  9.836   1.00 16.20 ? 7   DC  A "O4'" 1 
ATOM   131 C  "C3'" . DC  A 1 7 ? -5.265  1.502   11.528  1.00 16.20 ? 7   DC  A "C3'" 1 
ATOM   132 O  "O3'" . DC  A 1 7 ? -5.445  1.597   12.947  1.00 16.20 ? 7   DC  A "O3'" 1 
ATOM   133 C  "C2'" . DC  A 1 7 ? -3.778  1.479   11.235  1.00 16.20 ? 7   DC  A "C2'" 1 
ATOM   134 C  "C1'" . DC  A 1 7 ? -3.733  0.754   9.884   1.00 16.20 ? 7   DC  A "C1'" 1 
ATOM   135 N  N1    . DC  A 1 7 ? -3.721  1.716   8.748   1.00 14.60 ? 7   DC  A N1    1 
ATOM   136 C  C2    . DC  A 1 7 ? -2.479  2.255   8.412   1.00 14.60 ? 7   DC  A C2    1 
ATOM   137 O  O2    . DC  A 1 7 ? -1.458  1.941   9.061   1.00 14.60 ? 7   DC  A O2    1 
ATOM   138 N  N3    . DC  A 1 7 ? -2.408  3.108   7.353   1.00 14.60 ? 7   DC  A N3    1 
ATOM   139 C  C4    . DC  A 1 7 ? -3.548  3.477   6.748   1.00 14.60 ? 7   DC  A C4    1 
ATOM   140 N  N4    . DC  A 1 7 ? -3.372  4.335   5.733   1.00 14.60 ? 7   DC  A N4    1 
ATOM   141 C  C5    . DC  A 1 7 ? -4.828  2.946   7.081   1.00 14.60 ? 7   DC  A C5    1 
ATOM   142 C  C6    . DC  A 1 7 ? -4.854  2.077   8.096   1.00 14.60 ? 7   DC  A C6    1 
ATOM   143 P  P     . DC  A 1 8 ? -5.821  3.001   13.649  1.00 17.80 ? 8   DC  A P     1 
ATOM   144 O  OP1   . DC  A 1 8 ? -5.996  2.470   15.004  1.00 17.80 ? 8   DC  A OP1   1 
ATOM   145 O  OP2   . DC  A 1 8 ? -6.812  3.658   12.892  1.00 17.80 ? 8   DC  A OP2   1 
ATOM   146 O  "O5'" . DC  A 1 8 ? -4.376  3.638   13.672  1.00 16.20 ? 8   DC  A "O5'" 1 
ATOM   147 C  "C5'" . DC  A 1 8 ? -3.314  3.278   14.565  1.00 16.20 ? 8   DC  A "C5'" 1 
ATOM   148 C  "C4'" . DC  A 1 8 ? -2.129  4.156   14.308  1.00 16.20 ? 8   DC  A "C4'" 1 
ATOM   149 O  "O4'" . DC  A 1 8 ? -1.785  4.010   12.921  1.00 16.20 ? 8   DC  A "O4'" 1 
ATOM   150 C  "C3'" . DC  A 1 8 ? -2.386  5.678   14.355  1.00 16.20 ? 8   DC  A "C3'" 1 
ATOM   151 O  "O3'" . DC  A 1 8 ? -2.552  6.153   15.703  1.00 16.20 ? 8   DC  A "O3'" 1 
ATOM   152 C  "C2'" . DC  A 1 8 ? -1.195  6.210   13.585  1.00 16.20 ? 8   DC  A "C2'" 1 
ATOM   153 C  "C1'" . DC  A 1 8 ? -0.989  5.130   12.520  1.00 16.20 ? 8   DC  A "C1'" 1 
ATOM   154 N  N1    . DC  A 1 8 ? -1.557  5.560   11.226  1.00 14.60 ? 8   DC  A N1    1 
ATOM   155 C  C2    . DC  A 1 8 ? -0.738  6.342   10.409  1.00 14.60 ? 8   DC  A C2    1 
ATOM   156 O  O2    . DC  A 1 8 ? 0.373   6.686   10.848  1.00 14.60 ? 8   DC  A O2    1 
ATOM   157 N  N3    . DC  A 1 8 ? -1.195  6.757   9.200   1.00 14.60 ? 8   DC  A N3    1 
ATOM   158 C  C4    . DC  A 1 8 ? -2.448  6.469   8.843   1.00 14.60 ? 8   DC  A C4    1 
ATOM   159 N  N4    . DC  A 1 8 ? -2.869  6.904   7.644   1.00 14.60 ? 8   DC  A N4    1 
ATOM   160 C  C5    . DC  A 1 8 ? -3.281  5.631   9.663   1.00 14.60 ? 8   DC  A C5    1 
ATOM   161 C  C6    . DC  A 1 8 ? -2.839  5.294   10.853  1.00 14.60 ? 8   DC  A C6    1 
ATOM   162 O  "O5'" . DG  B 1 1 ? 4.089   12.348  1.818   1.00 16.20 ? 9   DG  B "O5'" 1 
ATOM   163 C  "C5'" . DG  B 1 1 ? 5.409   12.410  2.413   1.00 16.20 ? 9   DG  B "C5'" 1 
ATOM   164 C  "C4'" . DG  B 1 1 ? 5.445   12.054  3.864   1.00 16.20 ? 9   DG  B "C4'" 1 
ATOM   165 O  "O4'" . DG  B 1 1 ? 4.386   12.554  4.680   1.00 16.20 ? 9   DG  B "O4'" 1 
ATOM   166 C  "C3'" . DG  B 1 1 ? 5.358   10.537  4.087   1.00 16.20 ? 9   DG  B "C3'" 1 
ATOM   167 O  "O3'" . DG  B 1 1 ? 6.647   9.960   3.718   1.00 16.20 ? 9   DG  B "O3'" 1 
ATOM   168 C  "C2'" . DG  B 1 1 ? 5.189   10.563  5.618   1.00 16.20 ? 9   DG  B "C2'" 1 
ATOM   169 C  "C1'" . DG  B 1 1 ? 4.105   11.620  5.729   1.00 16.20 ? 9   DG  B "C1'" 1 
ATOM   170 N  N9    . DG  B 1 1 ? 2.750   11.046  5.497   1.00 14.60 ? 9   DG  B N9    1 
ATOM   171 C  C8    . DG  B 1 1 ? 1.873   11.223  4.480   1.00 14.60 ? 9   DG  B C8    1 
ATOM   172 N  N7    . DG  B 1 1 ? 0.769   10.541  4.587   1.00 14.60 ? 9   DG  B N7    1 
ATOM   173 C  C5    . DG  B 1 1 ? 0.909   9.908   5.809   1.00 14.60 ? 9   DG  B C5    1 
ATOM   174 C  C6    . DG  B 1 1 ? 0.084   8.986   6.471   1.00 14.60 ? 9   DG  B C6    1 
ATOM   175 O  O6    . DG  B 1 1 ? -0.999  8.600   6.075   1.00 14.60 ? 9   DG  B O6    1 
ATOM   176 N  N1    . DG  B 1 1 ? 0.594   8.507   7.673   1.00 14.60 ? 9   DG  B N1    1 
ATOM   177 C  C2    . DG  B 1 1 ? 1.839   8.813   8.136   1.00 14.60 ? 9   DG  B C2    1 
ATOM   178 N  N2    . DG  B 1 1 ? 2.222   8.366   9.342   1.00 14.60 ? 9   DG  B N2    1 
ATOM   179 N  N3    . DG  B 1 1 ? 2.647   9.682   7.532   1.00 14.60 ? 9   DG  B N3    1 
ATOM   180 C  C4    . DG  B 1 1 ? 2.126   10.197  6.386   1.00 14.60 ? 9   DG  B C4    1 
ATOM   181 P  P     . DG  B 1 2 ? 6.720   8.488   3.077   1.00 17.80 ? 10  DG  B P     1 
ATOM   182 O  OP1   . DG  B 1 2 ? 8.096   8.416   2.622   1.00 17.80 ? 10  DG  B OP1   1 
ATOM   183 O  OP2   . DG  B 1 2 ? 5.560   8.395   2.231   1.00 17.80 ? 10  DG  B OP2   1 
ATOM   184 O  "O5'" . DG  B 1 2 ? 6.518   7.490   4.355   1.00 16.20 ? 10  DG  B "O5'" 1 
ATOM   185 C  "C5'" . DG  B 1 2 ? 7.507   7.436   5.357   1.00 16.20 ? 10  DG  B "C5'" 1 
ATOM   186 C  "C4'" . DG  B 1 2 ? 6.919   6.774   6.543   1.00 16.20 ? 10  DG  B "C4'" 1 
ATOM   187 O  "O4'" . DG  B 1 2 ? 5.691   7.419   6.873   1.00 16.20 ? 10  DG  B "O4'" 1 
ATOM   188 C  "C3'" . DG  B 1 2 ? 6.575   5.295   6.433   1.00 16.20 ? 10  DG  B "C3'" 1 
ATOM   189 O  "O3'" . DG  B 1 2 ? 7.796   4.505   6.599   1.00 16.20 ? 10  DG  B "O3'" 1 
ATOM   190 C  "C2'" . DG  B 1 2 ? 5.651   5.156   7.646   1.00 16.20 ? 10  DG  B "C2'" 1 
ATOM   191 C  "C1'" . DG  B 1 2 ? 4.852   6.423   7.500   1.00 16.20 ? 10  DG  B "C1'" 1 
ATOM   192 N  N9    . DG  B 1 2 ? 3.651   6.309   6.634   1.00 14.60 ? 10  DG  B N9    1 
ATOM   193 C  C8    . DG  B 1 2 ? 3.401   6.967   5.438   1.00 14.60 ? 10  DG  B C8    1 
ATOM   194 N  N7    . DG  B 1 2 ? 2.224   6.655   4.964   1.00 14.60 ? 10  DG  B N7    1 
ATOM   195 C  C5    . DG  B 1 2 ? 1.648   5.840   5.920   1.00 14.60 ? 10  DG  B C5    1 
ATOM   196 C  C6    . DG  B 1 2 ? 0.400   5.198   5.953   1.00 14.60 ? 10  DG  B C6    1 
ATOM   197 O  O6    . DG  B 1 2 ? -0.557  5.283   5.154   1.00 14.60 ? 10  DG  B O6    1 
ATOM   198 N  N1    . DG  B 1 2 ? 0.231   4.387   7.056   1.00 14.60 ? 10  DG  B N1    1 
ATOM   199 C  C2    . DG  B 1 2 ? 1.186   4.204   8.043   1.00 14.60 ? 10  DG  B C2    1 
ATOM   200 N  N2    . DG  B 1 2 ? 0.826   3.380   9.053   1.00 14.60 ? 10  DG  B N2    1 
ATOM   201 N  N3    . DG  B 1 2 ? 2.355   4.800   8.033   1.00 14.60 ? 10  DG  B N3    1 
ATOM   202 C  C4    . DG  B 1 2 ? 2.537   5.565   6.942   1.00 14.60 ? 10  DG  B C4    1 
HETATM 203 N  N1    . BRU B 1 3 ? 3.178   1.279   7.038   1.00 14.60 ? 11  BRU B N1    1 
HETATM 204 C  C2    . BRU B 1 3 ? 1.897   0.788   6.856   1.00 14.60 ? 11  BRU B C2    1 
HETATM 205 N  N3    . BRU B 1 3 ? 1.219   1.344   5.798   1.00 14.60 ? 11  BRU B N3    1 
HETATM 206 C  C4    . BRU B 1 3 ? 1.753   2.199   4.859   1.00 14.60 ? 11  BRU B C4    1 
HETATM 207 C  C5    . BRU B 1 3 ? 3.149   2.532   5.037   1.00 14.60 ? 11  BRU B C5    1 
HETATM 208 C  C6    . BRU B 1 3 ? 3.774   2.120   6.127   1.00 14.60 ? 11  BRU B C6    1 
HETATM 209 O  O2    . BRU B 1 3 ? 1.362   0.012   7.643   1.00 14.60 ? 11  BRU B O2    1 
HETATM 210 O  O4    . BRU B 1 3 ? 1.072   2.491   3.894   1.00 14.60 ? 11  BRU B O4    1 
HETATM 211 BR BR    . BRU B 1 3 ? 3.909   3.664   3.850   1.00 14.60 ? 11  BRU B BR    1 
HETATM 212 C  "C1'" . BRU B 1 3 ? 3.906   0.787   8.228   1.00 16.20 ? 11  BRU B "C1'" 1 
HETATM 213 C  "C2'" . BRU B 1 3 ? 4.459   -0.618  8.029   1.00 16.20 ? 11  BRU B "C2'" 1 
HETATM 214 C  "C3'" . BRU B 1 3 ? 5.892   -0.311  7.582   1.00 16.20 ? 11  BRU B "C3'" 1 
HETATM 215 C  "C4'" . BRU B 1 3 ? 6.200   0.893   8.456   1.00 16.20 ? 11  BRU B "C4'" 1 
HETATM 216 O  "O3'" . BRU B 1 3 ? 6.739   -1.486  7.809   1.00 16.20 ? 11  BRU B "O3'" 1 
HETATM 217 O  "O4'" . BRU B 1 3 ? 4.997   1.681   8.459   1.00 16.20 ? 11  BRU B "O4'" 1 
HETATM 218 C  "C5'" . BRU B 1 3 ? 7.281   1.866   8.018   1.00 16.20 ? 11  BRU B "C5'" 1 
HETATM 219 O  "O5'" . BRU B 1 3 ? 6.970   2.207   6.665   1.00 16.20 ? 11  BRU B "O5'" 1 
HETATM 220 P  P     . BRU B 1 3 ? 7.960   3.166   5.857   1.00 17.80 ? 11  BRU B P     1 
HETATM 221 O  OP1   . BRU B 1 3 ? 9.338   2.700   6.231   1.00 17.80 ? 11  BRU B OP1   1 
HETATM 222 O  OP2   . BRU B 1 3 ? 7.600   3.267   4.458   1.00 17.80 ? 11  BRU B OP2   1 
ATOM   223 P  P     . DA  B 1 4 ? 7.027   -2.342  6.528   1.00 17.80 ? 12  DA  B P     1 
ATOM   224 O  OP1   . DA  B 1 4 ? 8.101   -3.308  6.822   1.00 17.80 ? 12  DA  B OP1   1 
ATOM   225 O  OP2   . DA  B 1 4 ? 7.154   -1.599  5.205   1.00 17.80 ? 12  DA  B OP2   1 
ATOM   226 O  "O5'" . DA  B 1 4 ? 5.642   -3.161  6.255   1.00 16.20 ? 12  DA  B "O5'" 1 
ATOM   227 C  "C5'" . DA  B 1 4 ? 5.134   -4.081  7.215   1.00 16.20 ? 12  DA  B "C5'" 1 
ATOM   228 C  "C4'" . DA  B 1 4 ? 3.735   -4.471  6.897   1.00 16.20 ? 12  DA  B "C4'" 1 
ATOM   229 O  "O4'" . DA  B 1 4 ? 2.879   -3.323  6.857   1.00 16.20 ? 12  DA  B "O4'" 1 
ATOM   230 C  "C3'" . DA  B 1 4 ? 3.374   -5.222  5.627   1.00 16.20 ? 12  DA  B "C3'" 1 
ATOM   231 O  "O3'" . DA  B 1 4 ? 3.783   -6.601  5.789   1.00 16.20 ? 12  DA  B "O3'" 1 
ATOM   232 C  "C2'" . DA  B 1 4 ? 1.850   -5.077  5.620   1.00 16.20 ? 12  DA  B "C2'" 1 
ATOM   233 C  "C1'" . DA  B 1 4 ? 1.738   -3.647  6.030   1.00 16.20 ? 12  DA  B "C1'" 1 
ATOM   234 N  N9    . DA  B 1 4 ? 1.795   -2.665  4.918   1.00 14.60 ? 12  DA  B N9    1 
ATOM   235 C  C8    . DA  B 1 4 ? 2.766   -1.768  4.594   1.00 14.60 ? 12  DA  B C8    1 
ATOM   236 N  N7    . DA  B 1 4 ? 2.412   -0.959  3.634   1.00 14.60 ? 12  DA  B N7    1 
ATOM   237 C  C5    . DA  B 1 4 ? 1.082   -1.261  3.384   1.00 14.60 ? 12  DA  B C5    1 
ATOM   238 C  C6    . DA  B 1 4 ? 0.119   -0.790  2.453   1.00 14.60 ? 12  DA  B C6    1 
ATOM   239 N  N6    . DA  B 1 4 ? 0.301   0.217   1.572   1.00 14.60 ? 12  DA  B N6    1 
ATOM   240 N  N1    . DA  B 1 4 ? -1.066  -1.385  2.465   1.00 14.60 ? 12  DA  B N1    1 
ATOM   241 C  C2    . DA  B 1 4 ? -1.343  -2.388  3.312   1.00 14.60 ? 12  DA  B C2    1 
ATOM   242 N  N3    . DA  B 1 4 ? -0.518  -2.940  4.202   1.00 14.60 ? 12  DA  B N3    1 
ATOM   243 C  C4    . DA  B 1 4 ? 0.675   -2.314  4.203   1.00 14.60 ? 12  DA  B C4    1 
HETATM 244 N  N1    . BRU B 1 5 ? 0.003   -5.875  1.805   1.00 14.60 ? 13  BRU B N1    1 
HETATM 245 C  C2    . BRU B 1 5 ? -0.826  -5.172  0.932   1.00 14.60 ? 13  BRU B C2    1 
HETATM 246 N  N3    . BRU B 1 5 ? -0.238  -4.066  0.375   1.00 14.60 ? 13  BRU B N3    1 
HETATM 247 C  C4    . BRU B 1 5 ? 1.068   -3.672  0.524   1.00 14.60 ? 13  BRU B C4    1 
HETATM 248 C  C5    . BRU B 1 5 ? 1.858   -4.440  1.438   1.00 14.60 ? 13  BRU B C5    1 
HETATM 249 C  C6    . BRU B 1 5 ? 1.287   -5.485  2.048   1.00 14.60 ? 13  BRU B C6    1 
HETATM 250 O  O2    . BRU B 1 5 ? -1.949  -5.512  0.691   1.00 14.60 ? 13  BRU B O2    1 
HETATM 251 O  O4    . BRU B 1 5 ? 1.393   -2.641  -0.053  1.00 14.60 ? 13  BRU B O4    1 
HETATM 252 BR BR    . BRU B 1 5 ? 3.579   -3.948  1.753   1.00 14.60 ? 13  BRU B BR    1 
HETATM 253 C  "C1'" . BRU B 1 5 ? -0.644  -7.008  2.495   1.00 16.20 ? 13  BRU B "C1'" 1 
HETATM 254 C  "C2'" . BRU B 1 5 ? -0.601  -8.268  1.653   1.00 16.20 ? 13  BRU B "C2'" 1 
HETATM 255 C  "C3'" . BRU B 1 5 ? 0.678   -8.889  2.198   1.00 16.20 ? 13  BRU B "C3'" 1 
HETATM 256 C  "C4'" . BRU B 1 5 ? 0.465   -8.652  3.712   1.00 16.20 ? 13  BRU B "C4'" 1 
HETATM 257 O  "O3'" . BRU B 1 5 ? 0.673   -10.312 1.929   1.00 16.20 ? 13  BRU B "O3'" 1 
HETATM 258 O  "O4'" . BRU B 1 5 ? 0.092   -7.271  3.680   1.00 16.20 ? 13  BRU B "O4'" 1 
HETATM 259 C  "C5'" . BRU B 1 5 ? 1.701   -8.722  4.576   1.00 16.20 ? 13  BRU B "C5'" 1 
HETATM 260 O  "O5'" . BRU B 1 5 ? 2.619   -7.816  3.979   1.00 16.20 ? 13  BRU B "O5'" 1 
HETATM 261 P  P     . BRU B 1 5 ? 4.071   -7.563  4.511   1.00 17.80 ? 13  BRU B P     1 
HETATM 262 O  OP1   . BRU B 1 5 ? 4.607   -8.719  5.289   1.00 17.80 ? 13  BRU B OP1   1 
HETATM 263 O  OP2   . BRU B 1 5 ? 4.983   -6.836  3.658   1.00 17.80 ? 13  BRU B OP2   1 
ATOM   264 P  P     . DA  B 1 6 ? 1.373   -10.913 0.552   1.00 17.80 ? 14  DA  B P     1 
ATOM   265 O  OP1   . DA  B 1 6 ? 1.223   -12.389 0.912   1.00 17.80 ? 14  DA  B OP1   1 
ATOM   266 O  OP2   . DA  B 1 6 ? 2.613   -10.298 0.294   1.00 17.80 ? 14  DA  B OP2   1 
ATOM   267 O  "O5'" . DA  B 1 6 ? 0.194   -10.641 -0.459  1.00 16.20 ? 14  DA  B "O5'" 1 
ATOM   268 C  "C5'" . DA  B 1 6 ? -1.105  -11.216 -0.428  1.00 16.20 ? 14  DA  B "C5'" 1 
ATOM   269 C  "C4'" . DA  B 1 6 ? -1.931  -10.573 -1.555  1.00 16.20 ? 14  DA  B "C4'" 1 
ATOM   270 O  "O4'" . DA  B 1 6 ? -1.973  -9.161  -1.244  1.00 16.20 ? 14  DA  B "O4'" 1 
ATOM   271 C  "C3'" . DA  B 1 6 ? -1.352  -10.560 -2.961  1.00 16.20 ? 14  DA  B "C3'" 1 
ATOM   272 O  "O3'" . DA  B 1 6 ? -1.746  -11.735 -3.721  1.00 16.20 ? 14  DA  B "O3'" 1 
ATOM   273 C  "C2'" . DA  B 1 6 ? -2.168  -9.398  -3.533  1.00 16.20 ? 14  DA  B "C2'" 1 
ATOM   274 C  "C1'" . DA  B 1 6 ? -2.123  -8.389  -2.419  1.00 16.20 ? 14  DA  B "C1'" 1 
ATOM   275 N  N9    . DA  B 1 6 ? -1.025  -7.394  -2.487  1.00 14.60 ? 14  DA  B N9    1 
ATOM   276 C  C8    . DA  B 1 6 ? 0.200   -7.382  -1.901  1.00 14.60 ? 14  DA  B C8    1 
ATOM   277 N  N7    . DA  B 1 6 ? 0.876   -6.264  -2.138  1.00 14.60 ? 14  DA  B N7    1 
ATOM   278 C  C5    . DA  B 1 6 ? 0.018   -5.499  -2.934  1.00 14.60 ? 14  DA  B C5    1 
ATOM   279 C  C6    . DA  B 1 6 ? 0.103   -4.199  -3.482  1.00 14.60 ? 14  DA  B C6    1 
ATOM   280 N  N6    . DA  B 1 6 ? 1.183   -3.449  -3.317  1.00 14.60 ? 14  DA  B N6    1 
ATOM   281 N  N1    . DA  B 1 6 ? -0.913  -3.787  -4.242  1.00 14.60 ? 14  DA  B N1    1 
ATOM   282 C  C2    . DA  B 1 6 ? -2.000  -4.527  -4.396  1.00 14.60 ? 14  DA  B C2    1 
ATOM   283 N  N3    . DA  B 1 6 ? -2.190  -5.782  -3.948  1.00 14.60 ? 14  DA  B N3    1 
ATOM   284 C  C4    . DA  B 1 6 ? -1.151  -6.188  -3.168  1.00 14.60 ? 14  DA  B C4    1 
ATOM   285 P  P     . DC  B 1 7 ? -0.759  -12.147 -4.947  1.00 17.80 ? 15  DC  B P     1 
ATOM   286 O  OP1   . DC  B 1 7 ? -1.199  -13.535 -5.152  1.00 17.80 ? 15  DC  B OP1   1 
ATOM   287 O  OP2   . DC  B 1 7 ? 0.642   -11.850 -4.768  1.00 17.80 ? 15  DC  B OP2   1 
ATOM   288 O  "O5'" . DC  B 1 7 ? -1.264  -11.270 -6.247  1.00 16.20 ? 15  DC  B "O5'" 1 
ATOM   289 C  "C5'" . DC  B 1 7 ? -2.576  -11.184 -6.771  1.00 16.20 ? 15  DC  B "C5'" 1 
ATOM   290 C  "C4'" . DC  B 1 7 ? -2.674  -9.872  -7.496  1.00 16.20 ? 15  DC  B "C4'" 1 
ATOM   291 O  "O4'" . DC  B 1 7 ? -2.459  -8.775  -6.617  1.00 16.20 ? 15  DC  B "O4'" 1 
ATOM   292 C  "C3'" . DC  B 1 7 ? -1.636  -9.647  -8.616  1.00 16.20 ? 15  DC  B "C3'" 1 
ATOM   293 O  "O3'" . DC  B 1 7 ? -2.133  -10.360 -9.769  1.00 16.20 ? 15  DC  B "O3'" 1 
ATOM   294 C  "C2'" . DC  B 1 7 ? -1.861  -8.133  -8.834  1.00 16.20 ? 15  DC  B "C2'" 1 
ATOM   295 C  "C1'" . DC  B 1 7 ? -1.970  -7.663  -7.397  1.00 16.20 ? 15  DC  B "C1'" 1 
ATOM   296 N  N1    . DC  B 1 7 ? -0.671  -7.232  -6.855  1.00 14.60 ? 15  DC  B N1    1 
ATOM   297 C  C2    . DC  B 1 7 ? -0.265  -5.921  -7.214  1.00 14.60 ? 15  DC  B C2    1 
ATOM   298 O  O2    . DC  B 1 7 ? -1.025  -5.264  -7.926  1.00 14.60 ? 15  DC  B O2    1 
ATOM   299 N  N3    . DC  B 1 7 ? 0.869   -5.451  -6.695  1.00 14.60 ? 15  DC  B N3    1 
ATOM   300 C  C4    . DC  B 1 7 ? 1.646   -6.217  -5.923  1.00 14.60 ? 15  DC  B C4    1 
ATOM   301 N  N4    . DC  B 1 7 ? 2.782   -5.656  -5.450  1.00 14.60 ? 15  DC  B N4    1 
ATOM   302 C  C5    . DC  B 1 7 ? 1.302   -7.562  -5.638  1.00 14.60 ? 15  DC  B C5    1 
ATOM   303 C  C6    . DC  B 1 7 ? 0.149   -8.033  -6.125  1.00 14.60 ? 15  DC  B C6    1 
ATOM   304 P  P     . DC  B 1 8 ? -1.131  -10.665 -11.022 1.00 17.80 ? 16  DC  B P     1 
ATOM   305 O  OP1   . DC  B 1 8 ? -2.163  -11.313 -11.793 1.00 17.80 ? 16  DC  B OP1   1 
ATOM   306 O  OP2   . DC  B 1 8 ? 0.147   -10.960 -10.610 1.00 17.80 ? 16  DC  B OP2   1 
ATOM   307 O  "O5'" . DC  B 1 8 ? -0.919  -9.184  -11.696 1.00 16.20 ? 16  DC  B "O5'" 1 
ATOM   308 C  "C5'" . DC  B 1 8 ? -1.865  -8.527  -12.504 1.00 16.20 ? 16  DC  B "C5'" 1 
ATOM   309 C  "C4'" . DC  B 1 8 ? -1.333  -7.179  -12.927 1.00 16.20 ? 16  DC  B "C4'" 1 
ATOM   310 O  "O4'" . DC  B 1 8 ? -0.807  -6.435  -11.807 1.00 16.20 ? 16  DC  B "O4'" 1 
ATOM   311 C  "C3'" . DC  B 1 8 ? -0.215  -7.154  -13.947 1.00 16.20 ? 16  DC  B "C3'" 1 
ATOM   312 O  "O3'" . DC  B 1 8 ? -0.852  -6.951  -15.215 1.00 16.20 ? 16  DC  B "O3'" 1 
ATOM   313 C  "C2'" . DC  B 1 8 ? 0.623   -5.935  -13.648 1.00 16.20 ? 16  DC  B "C2'" 1 
ATOM   314 C  "C1'" . DC  B 1 8 ? 0.280   -5.622  -12.229 1.00 16.20 ? 16  DC  B "C1'" 1 
ATOM   315 N  N1    . DC  B 1 8 ? 1.361   -5.814  -11.254 1.00 14.60 ? 16  DC  B N1    1 
ATOM   316 C  C2    . DC  B 1 8 ? 2.235   -4.741  -11.101 1.00 14.60 ? 16  DC  B C2    1 
ATOM   317 O  O2    . DC  B 1 8 ? 2.148   -3.756  -11.824 1.00 14.60 ? 16  DC  B O2    1 
ATOM   318 N  N3    . DC  B 1 8 ? 3.207   -4.891  -10.183 1.00 14.60 ? 16  DC  B N3    1 
ATOM   319 C  C4    . DC  B 1 8 ? 3.295   -5.991  -9.404  1.00 14.60 ? 16  DC  B C4    1 
ATOM   320 N  N4    . DC  B 1 8 ? 4.220   -5.940  -8.445  1.00 14.60 ? 16  DC  B N4    1 
ATOM   321 C  C5    . DC  B 1 8 ? 2.393   -7.082  -9.552  1.00 14.60 ? 16  DC  B C5    1 
ATOM   322 C  C6    . DC  B 1 8 ? 1.469   -6.955  -10.514 1.00 14.60 ? 16  DC  B C6    1 
HETATM 323 O  O     . HOH C 2 . ? -6.059  -4.322  -1.620  1.00 33.40 ? 18  HOH A O     1 
HETATM 324 O  O     . HOH C 2 . ? -5.688  6.833   7.423   1.00 33.40 ? 19  HOH A O     1 
HETATM 325 O  O     . HOH C 2 . ? -0.780  2.720   -3.179  1.00 33.40 ? 20  HOH A O     1 
HETATM 326 O  O     . HOH C 2 . ? -3.030  4.643   1.918   1.00 33.40 ? 24  HOH A O     1 
HETATM 327 O  O     . HOH C 2 . ? -4.499  -4.845  4.085   1.00 33.40 ? 27  HOH A O     1 
HETATM 328 O  O     . HOH C 2 . ? 5.945   -0.551  -5.481  1.00 33.40 ? 29  HOH A O     1 
HETATM 329 O  O     . HOH C 2 . ? -4.253  5.336   17.473  1.00 33.40 ? 30  HOH A O     1 
HETATM 330 O  O     . HOH C 2 . ? -5.293  3.202   2.523   1.00 33.40 ? 31  HOH A O     1 
HETATM 331 O  O     . HOH C 2 . ? 3.674   -0.253  -3.372  1.00 33.40 ? 33  HOH A O     1 
HETATM 332 O  O     . HOH C 2 . ? -1.080  4.246   -5.196  1.00 33.40 ? 34  HOH A O     1 
HETATM 333 O  O     . HOH C 2 . ? 8.793   7.593   -8.819  1.00 33.40 ? 35  HOH A O     1 
HETATM 334 O  O     . HOH C 2 . ? -6.161  5.090   4.685   1.00 33.40 ? 36  HOH A O     1 
HETATM 335 O  O     . HOH C 2 . ? -12.441 1.634   6.361   1.00 33.40 ? 38  HOH A O     1 
HETATM 336 O  O     . HOH C 2 . ? 7.901   5.106   -4.588  1.00 33.40 ? 39  HOH A O     1 
HETATM 337 O  O     . HOH C 2 . ? -1.253  3.613   -0.285  1.00 33.40 ? 40  HOH A O     1 
HETATM 338 O  O     . HOH C 2 . ? 5.857   -3.077  -5.103  1.00 33.40 ? 43  HOH A O     1 
HETATM 339 O  O     . HOH C 2 . ? -8.223  3.152   5.523   1.00 33.40 ? 44  HOH A O     1 
HETATM 340 O  O     . HOH C 2 . ? -9.418  2.814   12.469  1.00 33.40 ? 46  HOH A O     1 
HETATM 341 O  O     . HOH C 2 . ? -6.784  5.219   -2.857  1.00 33.40 ? 49  HOH A O     1 
HETATM 342 O  O     . HOH C 2 . ? -7.370  3.446   0.973   1.00 33.40 ? 56  HOH A O     1 
HETATM 343 O  O     . HOH C 2 . ? -0.553  -0.491  -11.634 1.00 33.40 ? 57  HOH A O     1 
HETATM 344 O  O     . HOH C 2 . ? 9.154   7.202   -5.801  1.00 33.40 ? 58  HOH A O     1 
HETATM 345 O  O     . HOH C 2 . ? -13.308 -0.773  7.078   1.00 33.40 ? 60  HOH A O     1 
HETATM 346 O  O     . HOH C 2 . ? 1.344   2.052   -1.958  1.00 33.40 ? 61  HOH A O     1 
HETATM 347 O  O     . HOH C 2 . ? -7.150  4.722   9.145   1.00 33.40 ? 66  HOH A O     1 
HETATM 348 O  O     . HOH C 2 . ? 3.330   5.305   -5.715  1.00 33.40 ? 70  HOH A O     1 
HETATM 349 O  O     . HOH C 2 . ? -0.441  7.513   16.921  1.00 33.40 ? 72  HOH A O     1 
HETATM 350 O  O     . HOH C 2 . ? 12.133  2.967   -9.055  1.00 33.40 ? 79  HOH A O     1 
HETATM 351 O  O     . HOH C 2 . ? 7.919   -3.196  -5.988  1.00 33.40 ? 80  HOH A O     1 
HETATM 352 O  O     . HOH C 2 . ? 3.517   8.272   -8.934  1.00 33.40 ? 81  HOH A O     1 
HETATM 353 O  O     . HOH C 2 . ? -12.276 3.196   -0.220  1.00 33.40 ? 82  HOH A O     1 
HETATM 354 O  O     . HOH C 2 . ? 10.760  4.477   -3.103  1.00 33.40 ? 83  HOH A O     1 
HETATM 355 O  O     . HOH C 2 . ? -14.440 11.523  -11.632 1.00 33.40 ? 84  HOH A O     1 
HETATM 356 O  O     . HOH C 2 . ? -4.368  5.777   -3.263  1.00 33.40 ? 86  HOH A O     1 
HETATM 357 O  O     . HOH C 2 . ? -10.005 1.354   -7.739  1.00 33.40 ? 87  HOH A O     1 
HETATM 358 O  O     . HOH C 2 . ? -8.261  5.268   -5.445  1.00 33.40 ? 89  HOH A O     1 
HETATM 359 O  O     . HOH C 2 . ? 11.962  0.321   -7.220  1.00 33.40 ? 90  HOH A O     1 
HETATM 360 O  O     . HOH C 2 . ? 14.803  1.687   -6.421  1.00 33.40 ? 91  HOH A O     1 
HETATM 361 O  O     . HOH C 2 . ? 2.241   9.092   -6.954  1.00 33.40 ? 92  HOH A O     1 
HETATM 362 O  O     . HOH C 2 . ? -9.171  -2.009  14.282  1.00 33.40 ? 93  HOH A O     1 
HETATM 363 O  O     . HOH C 2 . ? 3.715   8.633   -2.984  1.00 33.40 ? 94  HOH A O     1 
HETATM 364 O  O     . HOH C 2 . ? -16.734 -1.666  13.018  1.00 33.40 ? 96  HOH A O     1 
HETATM 365 O  O     . HOH C 2 . ? -11.516 4.703   -4.989  1.00 33.40 ? 98  HOH A O     1 
HETATM 366 O  O     . HOH C 2 . ? -10.591 2.666   -5.944  1.00 33.40 ? 100 HOH A O     1 
HETATM 367 O  O     . HOH C 2 . ? 2.136   5.168   -3.225  1.00 33.40 ? 101 HOH A O     1 
HETATM 368 O  O     . HOH D 2 . ? 4.045   0.132   1.970   1.00 33.40 ? 17  HOH B O     1 
HETATM 369 O  O     . HOH D 2 . ? 4.521   8.920   10.563  1.00 33.40 ? 21  HOH B O     1 
HETATM 370 O  O     . HOH D 2 . ? 1.091   4.441   1.499   1.00 33.40 ? 22  HOH B O     1 
HETATM 371 O  O     . HOH D 2 . ? 3.626   -1.130  -0.700  1.00 33.40 ? 23  HOH B O     1 
HETATM 372 O  O     . HOH D 2 . ? 3.379   -6.249  -1.446  1.00 33.40 ? 25  HOH B O     1 
HETATM 373 O  O     . HOH D 2 . ? -4.594  -11.922 -13.186 1.00 33.40 ? 26  HOH B O     1 
HETATM 374 O  O     . HOH D 2 . ? 0.567   -2.075  -13.491 1.00 33.40 ? 28  HOH B O     1 
HETATM 375 O  O     . HOH D 2 . ? 7.663   4.652   2.003   1.00 33.40 ? 32  HOH B O     1 
HETATM 376 O  O     . HOH D 2 . ? -3.657  -6.617  -16.025 1.00 33.40 ? 37  HOH B O     1 
HETATM 377 O  O     . HOH D 2 . ? 1.341   7.934   1.882   1.00 33.40 ? 41  HOH B O     1 
HETATM 378 O  O     . HOH D 2 . ? 4.199   -3.373  -2.402  1.00 33.40 ? 42  HOH B O     1 
HETATM 379 O  O     . HOH D 2 . ? 2.051   -10.446 -8.739  1.00 33.40 ? 45  HOH B O     1 
HETATM 380 O  O     . HOH D 2 . ? 6.376   0.443   3.757   1.00 33.40 ? 47  HOH B O     1 
HETATM 381 O  O     . HOH D 2 . ? 10.488  0.460   5.633   1.00 33.40 ? 48  HOH B O     1 
HETATM 382 O  O     . HOH D 2 . ? 2.656   -10.510 -3.679  1.00 33.40 ? 50  HOH B O     1 
HETATM 383 O  O     . HOH D 2 . ? 3.840   4.813   10.460  1.00 33.40 ? 51  HOH B O     1 
HETATM 384 O  O     . HOH D 2 . ? 9.678   -0.838  3.727   1.00 33.40 ? 52  HOH B O     1 
HETATM 385 O  O     . HOH D 2 . ? -2.034  -4.452  6.318   1.00 33.40 ? 53  HOH B O     1 
HETATM 386 O  O     . HOH D 2 . ? 4.815   -8.374  -7.090  1.00 33.40 ? 54  HOH B O     1 
HETATM 387 O  O     . HOH D 2 . ? -4.634  -6.478  0.003   1.00 33.40 ? 55  HOH B O     1 
HETATM 388 O  O     . HOH D 2 . ? 6.008   6.842   10.882  1.00 33.40 ? 59  HOH B O     1 
HETATM 389 O  O     . HOH D 2 . ? -6.982  -5.172  -16.855 1.00 33.40 ? 62  HOH B O     1 
HETATM 390 O  O     . HOH D 2 . ? 3.019   5.575   13.628  1.00 33.40 ? 63  HOH B O     1 
HETATM 391 O  O     . HOH D 2 . ? 2.499   14.250  2.388   1.00 33.40 ? 64  HOH B O     1 
HETATM 392 O  O     . HOH D 2 . ? 4.362   5.931   1.600   1.00 33.40 ? 65  HOH B O     1 
HETATM 393 O  O     . HOH D 2 . ? -1.028  11.625  2.555   1.00 33.40 ? 67  HOH B O     1 
HETATM 394 O  O     . HOH D 2 . ? -4.680  -7.243  2.601   1.00 33.40 ? 68  HOH B O     1 
HETATM 395 O  O     . HOH D 2 . ? -1.394  6.837   3.320   1.00 33.40 ? 69  HOH B O     1 
HETATM 396 O  O     . HOH D 2 . ? -4.684  -9.937  0.879   1.00 33.40 ? 71  HOH B O     1 
HETATM 397 O  O     . HOH D 2 . ? 2.358   2.538   0.618   1.00 33.40 ? 73  HOH B O     1 
HETATM 398 O  O     . HOH D 2 . ? 8.615   -4.381  9.790   1.00 33.40 ? 74  HOH B O     1 
HETATM 399 O  O     . HOH D 2 . ? 4.043   -11.528 5.682   1.00 33.40 ? 75  HOH B O     1 
HETATM 400 O  O     . HOH D 2 . ? 4.340   -7.480  0.765   1.00 33.40 ? 76  HOH B O     1 
HETATM 401 O  O     . HOH D 2 . ? 0.120   13.579  1.265   1.00 33.40 ? 77  HOH B O     1 
HETATM 402 O  O     . HOH D 2 . ? 4.339   -7.487  -3.927  1.00 33.40 ? 78  HOH B O     1 
HETATM 403 O  O     . HOH D 2 . ? 11.510  2.283   3.378   1.00 33.40 ? 85  HOH B O     1 
HETATM 404 O  O     . HOH D 2 . ? 11.711  4.323   5.717   1.00 33.40 ? 88  HOH B O     1 
HETATM 405 O  O     . HOH D 2 . ? 1.911   -13.969 -3.439  1.00 33.40 ? 95  HOH B O     1 
HETATM 406 O  O     . HOH D 2 . ? 6.227   -1.989  2.865   1.00 33.40 ? 97  HOH B O     1 
HETATM 407 O  O     . HOH D 2 . ? -5.625  -7.374  -17.523 1.00 33.40 ? 99  HOH B O     1 
# 
